data_5MLU
#
_entry.id   5MLU
#
_cell.length_a   107.260
_cell.length_b   109.450
_cell.length_c   175.820
_cell.angle_alpha   90.00
_cell.angle_beta   90.00
_cell.angle_gamma   90.00
#
_symmetry.space_group_name_H-M   'P 21 21 21'
#
loop_
_entity.id
_entity.type
_entity.pdbx_description
1 polymer 'Histone H3.2'
2 polymer 'Histone H4'
3 polymer 'Histone H2A type 1'
4 polymer 'Histone H2B'
5 polymer 'Histone H2B'
6 polymer 'PFV GAG peptide'
7 polymer 'DNA (145-MER)'
8 polymer 'DNA (145-MER)'
9 non-polymer 'MANGANESE (II) ION'
10 water water
#
loop_
_entity_poly.entity_id
_entity_poly.type
_entity_poly.pdbx_seq_one_letter_code
_entity_poly.pdbx_strand_id
1 'polypeptide(L)'
;HRYRPGTVALREIRRYQKSTELLIRKLPFQRLVREIAQDFKTDLRFQSSAVMALQEASEAYLVALFEDTNLCAIHAKRVT
IMPKDIQLARRIRGERA
;
A,E
2 'polypeptide(L)'
;RKVLRDNIQGITKPAIRRLARRGGVKRISGLIYEETRGVLKVFLENVIRDAVTYTEHAKRKTVTAMDVVYALKRQGRTLY
GFGG
;
B,F
3 'polypeptide(L)'
;AKTRSSRAGLQFPVGRVHRLLRKGNYAERVGAGAPVYLAAVLEYLTAEILELAGNAARDNKKTRIIPRHLQLAVRNDEEL
NKLLGRVTIAQGGVLPNIQSVLLPK
;
C,G
4 'polypeptide(L)'
;TRKESYAIYVYKVLKQVHPDTGISSKAMSIMNSFVNDVFERIAGEASRLAHYNKRSTITSREIQTAVRLLLPGELAKHAV
SEGTKAVTKYTSA
;
D
5 'polypeptide(L)'
;KTRKESYAIYVYKVLKQVHPDTGISSKAMSIMNSFVNDVFERIAGEASRLAHYNKRSTITSREIQTAVRLLLPGELAKHA
VSEGTKAVTKYTSA
;
H
6 'polypeptide(L)' GGYNLRPRTYQPQRYGG M
7 'polydeoxyribonucleotide'
;(DA)(DT)(DC)(DG)(DA)(DT)(DG)(DT)(DA)(DT)(DA)(DT)(DA)(DT)(DC)(DT)(DG)(DA)(DC)(DA)
(DC)(DG)(DT)(DG)(DC)(DC)(DT)(DG)(DG)(DA)(DG)(DA)(DC)(DT)(DA)(DG)(DG)(DG)(DA)(DG)
(DT)(DA)(DA)(DT)(DC)(DC)(DC)(DC)(DT)(DT)(DG)(DG)(DC)(DG)(DG)(DT)(DT)(DA)(DA)(DA)
(DA)(DC)(DG)(DC)(DG)(DG)(DG)(DG)(DG)(DA)(DC)(DA)(DG)(DC)(DG)(DC)(DG)(DT)(DA)(DC)
(DG)(DT)(DG)(DC)(DG)(DT)(DT)(DT)(DA)(DA)(DG)(DC)(DG)(DG)(DT)(DG)(DC)(DT)(DA)(DG)
(DA)(DG)(DC)(DT)(DG)(DT)(DC)(DT)(DA)(DC)(DG)(DA)(DC)(DC)(DA)(DA)(DT)(DT)(DG)(DA)
(DG)(DC)(DG)(DG)(DC)(DC)(DT)(DC)(DG)(DG)(DC)(DA)(DC)(DC)(DG)(DG)(DG)(DA)(DT)(DT)
(DC)(DT)(DG)(DA)(DT)
;
I
8 'polydeoxyribonucleotide'
;(DA)(DT)(DC)(DA)(DG)(DA)(DA)(DT)(DC)(DC)(DC)(DG)(DG)(DT)(DG)(DC)(DC)(DG)(DA)(DG)
(DG)(DC)(DC)(DG)(DC)(DT)(DC)(DA)(DA)(DT)(DT)(DG)(DG)(DT)(DC)(DG)(DT)(DA)(DG)(DA)
(DC)(DA)(DG)(DC)(DT)(DC)(DT)(DA)(DG)(DC)(DA)(DC)(DC)(DG)(DC)(DT)(DT)(DA)(DA)(DA)
(DC)(DG)(DC)(DA)(DC)(DG)(DT)(DA)(DC)(DG)(DC)(DG)(DC)(DT)(DG)(DT)(DC)(DC)(DC)(DC)
(DC)(DG)(DC)(DG)(DT)(DT)(DT)(DT)(DA)(DA)(DC)(DC)(DG)(DC)(DC)(DA)(DA)(DG)(DG)(DG)
(DG)(DA)(DT)(DT)(DA)(DC)(DT)(DC)(DC)(DC)(DT)(DA)(DG)(DT)(DC)(DT)(DC)(DC)(DA)(DG)
(DG)(DC)(DA)(DC)(DG)(DT)(DG)(DT)(DC)(DA)(DG)(DA)(DT)(DA)(DT)(DA)(DT)(DA)(DC)(DA)
(DT)(DC)(DG)(DA)(DT)
;
J
#
loop_
_chem_comp.id
_chem_comp.type
_chem_comp.name
_chem_comp.formula
DA DNA linking 2'-DEOXYADENOSINE-5'-MONOPHOSPHATE 'C10 H14 N5 O6 P'
DC DNA linking 2'-DEOXYCYTIDINE-5'-MONOPHOSPHATE 'C9 H14 N3 O7 P'
DG DNA linking 2'-DEOXYGUANOSINE-5'-MONOPHOSPHATE 'C10 H14 N5 O7 P'
DT DNA linking THYMIDINE-5'-MONOPHOSPHATE 'C10 H15 N2 O8 P'
MN non-polymer 'MANGANESE (II) ION' 'Mn 2'
#
# COMPACT_ATOMS: atom_id res chain seq x y z
N HIS A 1 10.98 0.76 -51.08
CA HIS A 1 9.93 1.26 -50.20
C HIS A 1 10.47 1.53 -48.80
N ARG A 2 9.99 2.60 -48.18
CA ARG A 2 10.43 2.98 -46.84
C ARG A 2 9.34 3.79 -46.16
N TYR A 3 9.00 3.39 -44.94
CA TYR A 3 8.04 4.11 -44.12
C TYR A 3 8.70 5.26 -43.37
N ARG A 4 7.94 6.33 -43.14
CA ARG A 4 8.48 7.48 -42.44
C ARG A 4 8.67 7.18 -40.96
N PRO A 5 9.62 7.85 -40.29
CA PRO A 5 9.86 7.58 -38.87
C PRO A 5 8.67 7.94 -37.99
N GLY A 6 8.02 6.92 -37.45
CA GLY A 6 6.88 7.15 -36.57
C GLY A 6 5.68 6.30 -36.92
N THR A 7 5.52 5.95 -38.20
CA THR A 7 4.35 5.18 -38.59
CA THR A 7 4.37 5.17 -38.64
C THR A 7 4.48 3.71 -38.21
N VAL A 8 5.70 3.17 -38.16
CA VAL A 8 5.87 1.80 -37.71
C VAL A 8 5.76 1.71 -36.19
N ALA A 9 6.25 2.73 -35.48
CA ALA A 9 6.12 2.75 -34.02
C ALA A 9 4.65 2.78 -33.61
N LEU A 10 3.87 3.68 -34.21
CA LEU A 10 2.44 3.73 -33.91
C LEU A 10 1.75 2.44 -34.35
N ARG A 11 2.24 1.79 -35.40
CA ARG A 11 1.71 0.49 -35.80
C ARG A 11 2.00 -0.56 -34.73
N GLU A 12 3.21 -0.54 -34.16
CA GLU A 12 3.56 -1.50 -33.12
C GLU A 12 2.78 -1.23 -31.83
N ILE A 13 2.54 0.04 -31.53
CA ILE A 13 1.72 0.37 -30.35
C ILE A 13 0.35 -0.27 -30.47
N ARG A 14 -0.27 -0.16 -31.64
CA ARG A 14 -1.58 -0.78 -31.84
C ARG A 14 -1.47 -2.30 -31.84
N ARG A 15 -0.36 -2.85 -32.32
CA ARG A 15 -0.23 -4.31 -32.40
C ARG A 15 -0.14 -4.92 -31.02
N TYR A 16 0.72 -4.39 -30.16
CA TYR A 16 0.94 -5.00 -28.84
C TYR A 16 -0.11 -4.59 -27.81
N GLN A 17 -0.91 -3.54 -28.08
CA GLN A 17 -2.00 -3.20 -27.18
C GLN A 17 -3.24 -4.05 -27.42
N LYS A 18 -3.37 -4.66 -28.60
CA LYS A 18 -4.46 -5.58 -28.85
C LYS A 18 -4.18 -6.99 -28.35
N SER A 19 -2.92 -7.33 -28.11
CA SER A 19 -2.52 -8.67 -27.73
C SER A 19 -2.15 -8.72 -26.25
N THR A 20 -2.04 -9.94 -25.73
CA THR A 20 -1.75 -10.18 -24.33
C THR A 20 -0.53 -11.05 -24.11
N GLU A 21 0.15 -11.50 -25.17
CA GLU A 21 1.28 -12.40 -24.99
C GLU A 21 2.44 -11.67 -24.31
N LEU A 22 3.28 -12.44 -23.64
CA LEU A 22 4.46 -11.88 -23.00
C LEU A 22 5.43 -11.36 -24.06
N LEU A 23 6.10 -10.26 -23.74
CA LEU A 23 6.99 -9.59 -24.68
C LEU A 23 8.46 -9.89 -24.42
N ILE A 24 8.81 -10.41 -23.25
CA ILE A 24 10.17 -10.85 -22.96
C ILE A 24 10.26 -12.33 -23.28
N ARG A 25 11.39 -12.75 -23.88
CA ARG A 25 11.59 -14.15 -24.20
C ARG A 25 11.70 -14.98 -22.92
N LYS A 26 11.19 -16.20 -22.98
CA LYS A 26 11.03 -17.00 -21.77
C LYS A 26 12.38 -17.40 -21.18
N LEU A 27 13.24 -18.00 -21.97
CA LEU A 27 14.52 -18.50 -21.46
C LEU A 27 15.43 -17.40 -20.92
N PRO A 28 15.62 -16.26 -21.61
CA PRO A 28 16.44 -15.20 -21.00
C PRO A 28 15.90 -14.72 -19.67
N PHE A 29 14.58 -14.56 -19.55
CA PHE A 29 13.99 -14.11 -18.29
C PHE A 29 14.16 -15.16 -17.19
N GLN A 30 14.08 -16.44 -17.56
CA GLN A 30 14.18 -17.50 -16.56
C GLN A 30 15.60 -17.57 -15.99
N ARG A 31 16.62 -17.40 -16.85
CA ARG A 31 17.99 -17.38 -16.35
C ARG A 31 18.24 -16.19 -15.44
N LEU A 32 17.66 -15.03 -15.77
CA LEU A 32 17.81 -13.85 -14.93
C LEU A 32 17.20 -14.09 -13.54
N VAL A 33 16.04 -14.76 -13.49
CA VAL A 33 15.43 -15.05 -12.20
C VAL A 33 16.30 -16.00 -11.39
N ARG A 34 16.82 -17.07 -12.03
CA ARG A 34 17.66 -18.01 -11.32
C ARG A 34 18.95 -17.34 -10.85
N GLU A 35 19.50 -16.43 -11.65
CA GLU A 35 20.73 -15.74 -11.26
C GLU A 35 20.50 -14.86 -10.03
N ILE A 36 19.45 -14.05 -10.05
CA ILE A 36 19.15 -13.18 -8.92
C ILE A 36 18.83 -14.00 -7.68
N ALA A 37 18.04 -15.06 -7.84
CA ALA A 37 17.67 -15.90 -6.71
C ALA A 37 18.87 -16.67 -6.17
N GLN A 38 19.82 -17.03 -7.04
CA GLN A 38 21.01 -17.75 -6.59
C GLN A 38 21.84 -16.91 -5.64
N ASP A 39 21.85 -15.59 -5.81
CA ASP A 39 22.59 -14.72 -4.91
C ASP A 39 21.92 -14.59 -3.54
N PHE A 40 20.63 -14.90 -3.45
CA PHE A 40 19.96 -14.87 -2.14
C PHE A 40 20.16 -16.19 -1.40
N LYS A 41 19.99 -17.31 -2.09
CA LYS A 41 20.22 -18.62 -1.49
C LYS A 41 20.54 -19.61 -2.60
N THR A 42 21.60 -20.40 -2.40
CA THR A 42 21.98 -21.41 -3.37
C THR A 42 21.08 -22.63 -3.25
N ASP A 43 21.17 -23.51 -4.26
CA ASP A 43 20.43 -24.77 -4.30
C ASP A 43 18.92 -24.51 -4.25
N LEU A 44 18.45 -23.63 -5.13
CA LEU A 44 17.03 -23.30 -5.24
C LEU A 44 16.47 -23.81 -6.55
N ARG A 45 15.25 -24.34 -6.49
CA ARG A 45 14.52 -24.78 -7.67
C ARG A 45 13.26 -23.93 -7.81
N PHE A 46 12.67 -23.94 -9.00
CA PHE A 46 11.49 -23.15 -9.31
C PHE A 46 10.46 -24.00 -10.00
N GLN A 47 9.20 -23.87 -9.58
CA GLN A 47 8.10 -24.38 -10.37
C GLN A 47 7.97 -23.58 -11.65
N SER A 48 7.61 -24.26 -12.74
CA SER A 48 7.46 -23.56 -14.02
C SER A 48 6.46 -22.42 -13.93
N SER A 49 5.41 -22.59 -13.12
CA SER A 49 4.42 -21.52 -12.94
C SER A 49 4.94 -20.39 -12.08
N ALA A 50 5.93 -20.64 -11.22
CA ALA A 50 6.47 -19.57 -10.38
C ALA A 50 7.24 -18.55 -11.21
N VAL A 51 7.98 -19.02 -12.22
CA VAL A 51 8.69 -18.10 -13.11
C VAL A 51 7.70 -17.32 -13.97
N MET A 52 6.69 -18.01 -14.51
CA MET A 52 5.68 -17.32 -15.31
C MET A 52 4.96 -16.26 -14.51
N ALA A 53 4.68 -16.53 -13.23
CA ALA A 53 4.07 -15.52 -12.38
C ALA A 53 5.00 -14.32 -12.19
N LEU A 54 6.31 -14.55 -12.18
CA LEU A 54 7.26 -13.44 -12.09
C LEU A 54 7.29 -12.64 -13.37
N GLN A 55 7.24 -13.31 -14.53
CA GLN A 55 7.26 -12.59 -15.80
C GLN A 55 5.93 -11.87 -16.05
N GLU A 56 4.81 -12.49 -15.66
CA GLU A 56 3.53 -11.81 -15.77
C GLU A 56 3.49 -10.55 -14.91
N ALA A 57 4.15 -10.58 -13.75
CA ALA A 57 4.13 -9.43 -12.86
C ALA A 57 5.18 -8.39 -13.25
N SER A 58 6.33 -8.83 -13.73
CA SER A 58 7.39 -7.90 -14.13
CA SER A 58 7.38 -7.90 -14.13
C SER A 58 6.99 -7.12 -15.37
N GLU A 59 6.46 -7.82 -16.39
CA GLU A 59 6.08 -7.15 -17.62
C GLU A 59 4.92 -6.19 -17.38
N ALA A 60 3.96 -6.57 -16.53
CA ALA A 60 2.86 -5.67 -16.22
C ALA A 60 3.35 -4.44 -15.46
N TYR A 61 4.39 -4.59 -14.64
CA TYR A 61 4.95 -3.45 -13.94
C TYR A 61 5.66 -2.50 -14.89
N LEU A 62 6.45 -3.04 -15.82
CA LEU A 62 7.21 -2.20 -16.74
C LEU A 62 6.29 -1.47 -17.71
N VAL A 63 5.25 -2.13 -18.20
CA VAL A 63 4.31 -1.48 -19.11
C VAL A 63 3.61 -0.32 -18.42
N ALA A 64 3.15 -0.56 -17.18
CA ALA A 64 2.53 0.51 -16.40
C ALA A 64 3.53 1.62 -16.09
N LEU A 65 4.80 1.26 -15.91
CA LEU A 65 5.83 2.28 -15.69
C LEU A 65 6.09 3.07 -16.97
N PHE A 66 6.08 2.41 -18.12
CA PHE A 66 6.27 3.11 -19.39
C PHE A 66 5.11 4.04 -19.70
N GLU A 67 3.93 3.80 -19.12
CA GLU A 67 2.82 4.74 -19.29
C GLU A 67 3.07 6.03 -18.52
N ASP A 68 3.36 5.91 -17.23
CA ASP A 68 3.67 7.09 -16.44
C ASP A 68 4.94 7.78 -16.92
N THR A 69 5.89 7.00 -17.45
CA THR A 69 7.08 7.60 -18.04
C THR A 69 6.72 8.43 -19.27
N ASN A 70 5.84 7.89 -20.13
CA ASN A 70 5.43 8.62 -21.32
C ASN A 70 4.72 9.92 -20.97
N LEU A 71 3.95 9.92 -19.88
CA LEU A 71 3.30 11.15 -19.45
C LEU A 71 4.31 12.20 -19.01
N CYS A 72 5.41 11.77 -18.38
CA CYS A 72 6.44 12.72 -17.97
C CYS A 72 7.17 13.30 -19.18
N ALA A 73 7.38 12.48 -20.22
CA ALA A 73 8.00 13.00 -21.43
C ALA A 73 7.09 14.00 -22.13
N ILE A 74 5.78 13.68 -22.21
CA ILE A 74 4.84 14.60 -22.84
C ILE A 74 4.65 15.86 -21.99
N HIS A 75 4.78 15.73 -20.67
CA HIS A 75 4.67 16.89 -19.80
C HIS A 75 5.76 17.92 -20.10
N ALA A 76 6.95 17.47 -20.47
CA ALA A 76 8.06 18.35 -20.81
C ALA A 76 8.10 18.70 -22.29
N LYS A 77 6.96 18.65 -22.97
CA LYS A 77 6.85 19.00 -24.39
C LYS A 77 7.78 18.14 -25.24
N ARG A 78 7.86 16.85 -24.91
CA ARG A 78 8.69 15.91 -25.64
C ARG A 78 7.87 14.69 -26.05
N VAL A 79 8.36 14.00 -27.08
CA VAL A 79 7.75 12.76 -27.52
C VAL A 79 8.60 11.54 -27.17
N THR A 80 9.88 11.73 -26.83
CA THR A 80 10.77 10.63 -26.51
C THR A 80 10.89 10.47 -25.00
N ILE A 81 10.75 9.23 -24.53
CA ILE A 81 10.99 8.94 -23.12
C ILE A 81 12.49 8.87 -22.87
N MET A 82 12.93 9.47 -21.78
CA MET A 82 14.33 9.53 -21.40
C MET A 82 14.49 9.02 -19.98
N PRO A 83 15.70 8.62 -19.58
CA PRO A 83 15.89 8.08 -18.23
C PRO A 83 15.37 8.99 -17.12
N LYS A 84 15.44 10.31 -17.29
CA LYS A 84 14.91 11.20 -16.27
C LYS A 84 13.39 11.13 -16.18
N ASP A 85 12.72 10.69 -17.24
CA ASP A 85 11.28 10.48 -17.17
C ASP A 85 10.95 9.27 -16.31
N ILE A 86 11.74 8.20 -16.44
CA ILE A 86 11.52 7.00 -15.62
C ILE A 86 11.74 7.31 -14.16
N GLN A 87 12.83 8.02 -13.84
CA GLN A 87 13.14 8.28 -12.44
CA GLN A 87 13.17 8.32 -12.45
C GLN A 87 12.12 9.21 -11.80
N LEU A 88 11.63 10.21 -12.54
CA LEU A 88 10.59 11.08 -12.00
C LEU A 88 9.31 10.29 -11.73
N ALA A 89 8.94 9.40 -12.65
CA ALA A 89 7.77 8.55 -12.43
C ALA A 89 7.95 7.69 -11.20
N ARG A 90 9.11 7.03 -11.07
CA ARG A 90 9.36 6.17 -9.92
C ARG A 90 9.42 6.97 -8.63
N ARG A 91 9.79 8.24 -8.70
CA ARG A 91 9.83 9.07 -7.50
C ARG A 91 8.43 9.48 -7.05
N ILE A 92 7.56 9.82 -8.01
CA ILE A 92 6.24 10.34 -7.67
C ILE A 92 5.36 9.24 -7.09
N ARG A 93 5.39 8.05 -7.70
CA ARG A 93 4.56 6.95 -7.22
C ARG A 93 5.12 6.29 -5.96
N GLY A 94 6.20 6.83 -5.39
CA GLY A 94 6.68 6.39 -4.09
C GLY A 94 7.76 5.34 -4.10
N GLU A 95 8.23 4.90 -5.27
CA GLU A 95 9.26 3.88 -5.32
C GLU A 95 10.64 4.43 -5.00
N ARG A 96 10.83 5.74 -5.05
CA ARG A 96 12.10 6.38 -4.74
C ARG A 96 11.89 7.42 -3.66
N ALA A 97 13.01 7.84 -3.06
CA ALA A 97 12.97 8.89 -2.05
C ALA A 97 12.89 10.26 -2.70
N ARG B 1 27.03 -27.90 -11.89
CA ARG B 1 26.15 -26.81 -12.35
C ARG B 1 26.92 -25.81 -13.19
N LYS B 2 26.19 -24.96 -13.92
CA LYS B 2 26.77 -23.93 -14.75
C LYS B 2 26.65 -22.58 -14.06
N VAL B 3 27.69 -21.76 -14.19
CA VAL B 3 27.73 -20.45 -13.55
C VAL B 3 26.92 -19.46 -14.38
N LEU B 4 25.95 -18.82 -13.75
CA LEU B 4 25.11 -17.81 -14.41
C LEU B 4 25.79 -16.46 -14.31
N ARG B 5 25.88 -15.76 -15.45
CA ARG B 5 26.66 -14.53 -15.52
C ARG B 5 26.06 -13.61 -16.56
N ASP B 6 25.80 -12.35 -16.16
CA ASP B 6 25.40 -11.28 -17.06
C ASP B 6 24.11 -11.62 -17.81
N ASN B 7 23.10 -12.05 -17.05
CA ASN B 7 21.81 -12.40 -17.65
C ASN B 7 20.84 -11.24 -17.71
N ILE B 8 21.18 -10.09 -17.11
CA ILE B 8 20.37 -8.90 -17.28
C ILE B 8 20.38 -8.46 -18.73
N GLN B 9 21.41 -8.82 -19.49
CA GLN B 9 21.44 -8.53 -20.93
C GLN B 9 20.49 -9.43 -21.71
N GLY B 10 19.91 -10.45 -21.07
CA GLY B 10 18.91 -11.26 -21.75
C GLY B 10 17.70 -10.46 -22.17
N ILE B 11 17.34 -9.44 -21.40
CA ILE B 11 16.28 -8.52 -21.76
C ILE B 11 16.79 -7.66 -22.90
N THR B 12 16.61 -8.13 -24.13
CA THR B 12 17.19 -7.46 -25.27
C THR B 12 16.54 -6.10 -25.49
N LYS B 13 17.18 -5.30 -26.34
CA LYS B 13 16.62 -4.00 -26.71
C LYS B 13 15.24 -4.10 -27.34
N PRO B 14 14.98 -5.01 -28.29
CA PRO B 14 13.61 -5.09 -28.83
C PRO B 14 12.57 -5.53 -27.83
N ALA B 15 12.95 -6.33 -26.82
CA ALA B 15 11.99 -6.73 -25.80
C ALA B 15 11.55 -5.55 -24.95
N ILE B 16 12.51 -4.71 -24.54
CA ILE B 16 12.17 -3.47 -23.86
C ILE B 16 11.33 -2.58 -24.76
N ARG B 17 11.63 -2.59 -26.06
CA ARG B 17 10.88 -1.78 -27.01
C ARG B 17 9.42 -2.21 -27.10
N ARG B 18 9.18 -3.53 -27.14
CA ARG B 18 7.80 -4.01 -27.19
C ARG B 18 7.03 -3.62 -25.93
N LEU B 19 7.68 -3.72 -24.77
CA LEU B 19 7.02 -3.32 -23.53
C LEU B 19 6.66 -1.84 -23.54
N ALA B 20 7.52 -1.01 -24.15
CA ALA B 20 7.19 0.41 -24.28
C ALA B 20 6.09 0.65 -25.30
N ARG B 21 6.03 -0.17 -26.34
CA ARG B 21 4.97 -0.02 -27.34
C ARG B 21 3.61 -0.32 -26.71
N ARG B 22 3.52 -1.41 -25.93
CA ARG B 22 2.29 -1.69 -25.20
C ARG B 22 1.98 -0.57 -24.21
N GLY B 23 3.00 0.08 -23.67
CA GLY B 23 2.81 1.24 -22.82
C GLY B 23 2.45 2.51 -23.57
N GLY B 24 2.34 2.45 -24.90
CA GLY B 24 1.98 3.63 -25.67
C GLY B 24 3.10 4.62 -25.87
N VAL B 25 4.34 4.15 -26.02
CA VAL B 25 5.50 5.01 -26.19
C VAL B 25 5.92 4.99 -27.65
N LYS B 26 6.09 6.17 -28.24
CA LYS B 26 6.40 6.30 -29.66
C LYS B 26 7.91 6.29 -29.91
N ARG B 27 8.62 7.28 -29.37
CA ARG B 27 10.07 7.37 -29.53
C ARG B 27 10.76 7.09 -28.19
N ILE B 28 11.92 6.44 -28.26
CA ILE B 28 12.63 5.97 -27.08
C ILE B 28 14.08 6.44 -27.15
N SER B 29 14.59 6.97 -26.04
CA SER B 29 15.97 7.39 -25.97
C SER B 29 16.90 6.17 -25.89
N GLY B 30 18.16 6.40 -26.27
CA GLY B 30 19.13 5.31 -26.28
C GLY B 30 19.54 4.83 -24.91
N LEU B 31 19.51 5.72 -23.92
CA LEU B 31 19.88 5.36 -22.55
C LEU B 31 18.73 4.73 -21.77
N ILE B 32 17.56 4.58 -22.39
CA ILE B 32 16.42 3.99 -21.70
C ILE B 32 16.66 2.51 -21.42
N TYR B 33 17.34 1.82 -22.34
CA TYR B 33 17.45 0.36 -22.24
C TYR B 33 18.26 -0.06 -21.03
N GLU B 34 19.38 0.62 -20.76
CA GLU B 34 20.12 0.31 -19.54
C GLU B 34 19.38 0.74 -18.30
N GLU B 35 18.60 1.83 -18.38
CA GLU B 35 17.81 2.25 -17.24
C GLU B 35 16.71 1.24 -16.93
N THR B 36 16.06 0.71 -17.97
CA THR B 36 14.99 -0.26 -17.76
C THR B 36 15.53 -1.55 -17.15
N ARG B 37 16.72 -1.98 -17.58
CA ARG B 37 17.32 -3.17 -16.99
C ARG B 37 17.60 -2.97 -15.51
N GLY B 38 18.06 -1.78 -15.13
CA GLY B 38 18.28 -1.50 -13.72
C GLY B 38 16.99 -1.46 -12.92
N VAL B 39 15.93 -0.89 -13.51
CA VAL B 39 14.64 -0.88 -12.83
C VAL B 39 14.10 -2.29 -12.67
N LEU B 40 14.22 -3.12 -13.71
CA LEU B 40 13.69 -4.48 -13.63
C LEU B 40 14.48 -5.32 -12.63
N LYS B 41 15.81 -5.14 -12.59
CA LYS B 41 16.61 -5.89 -11.63
C LYS B 41 16.24 -5.52 -10.20
N VAL B 42 16.00 -4.24 -9.93
CA VAL B 42 15.56 -3.83 -8.61
C VAL B 42 14.18 -4.39 -8.30
N PHE B 43 13.29 -4.42 -9.30
CA PHE B 43 11.97 -5.00 -9.10
C PHE B 43 12.05 -6.49 -8.80
N LEU B 44 12.86 -7.22 -9.57
CA LEU B 44 12.98 -8.65 -9.37
C LEU B 44 13.64 -9.00 -8.05
N GLU B 45 14.58 -8.17 -7.59
CA GLU B 45 15.25 -8.45 -6.32
C GLU B 45 14.28 -8.38 -5.16
N ASN B 46 13.45 -7.34 -5.11
CA ASN B 46 12.52 -7.19 -3.98
C ASN B 46 11.49 -8.32 -3.95
N VAL B 47 11.01 -8.75 -5.12
CA VAL B 47 9.99 -9.79 -5.17
C VAL B 47 10.60 -11.15 -4.86
N ILE B 48 11.80 -11.42 -5.39
CA ILE B 48 12.42 -12.73 -5.16
C ILE B 48 12.95 -12.84 -3.73
N ARG B 49 13.44 -11.75 -3.15
CA ARG B 49 13.89 -11.79 -1.76
C ARG B 49 12.76 -12.22 -0.83
N ASP B 50 11.55 -11.69 -1.04
CA ASP B 50 10.41 -12.10 -0.22
C ASP B 50 9.95 -13.50 -0.57
N ALA B 51 9.95 -13.84 -1.86
CA ALA B 51 9.50 -15.17 -2.29
C ALA B 51 10.36 -16.26 -1.65
N VAL B 52 11.69 -16.13 -1.76
CA VAL B 52 12.57 -17.14 -1.18
C VAL B 52 12.53 -17.11 0.33
N THR B 53 12.15 -15.98 0.94
CA THR B 53 11.94 -15.98 2.39
C THR B 53 10.76 -16.84 2.78
N TYR B 54 9.65 -16.77 2.03
CA TYR B 54 8.56 -17.71 2.23
C TYR B 54 9.03 -19.14 1.96
N THR B 55 9.91 -19.33 0.98
CA THR B 55 10.43 -20.66 0.68
C THR B 55 11.32 -21.16 1.81
N GLU B 56 12.12 -20.26 2.41
CA GLU B 56 12.97 -20.65 3.53
C GLU B 56 12.13 -20.99 4.76
N HIS B 57 11.10 -20.19 5.03
CA HIS B 57 10.25 -20.45 6.20
C HIS B 57 9.51 -21.78 6.06
N ALA B 58 9.14 -22.17 4.84
CA ALA B 58 8.46 -23.44 4.62
C ALA B 58 9.43 -24.62 4.56
N LYS B 59 10.72 -24.38 4.77
CA LYS B 59 11.73 -25.44 4.77
C LYS B 59 11.73 -26.23 3.47
N ARG B 60 11.72 -25.50 2.35
CA ARG B 60 11.69 -26.10 1.03
C ARG B 60 12.86 -25.62 0.19
N LYS B 61 13.22 -26.42 -0.81
CA LYS B 61 14.22 -26.08 -1.79
C LYS B 61 13.63 -25.57 -3.09
N THR B 62 12.31 -25.56 -3.23
CA THR B 62 11.63 -25.17 -4.46
C THR B 62 10.79 -23.92 -4.21
N VAL B 63 10.90 -22.95 -5.10
CA VAL B 63 10.10 -21.74 -5.04
C VAL B 63 8.79 -22.03 -5.78
N THR B 64 7.69 -22.07 -5.04
CA THR B 64 6.39 -22.39 -5.62
C THR B 64 5.73 -21.13 -6.16
N ALA B 65 4.69 -21.35 -6.99
CA ALA B 65 3.93 -20.22 -7.52
C ALA B 65 3.32 -19.40 -6.39
N MET B 66 2.86 -20.07 -5.33
CA MET B 66 2.25 -19.37 -4.20
C MET B 66 3.27 -18.48 -3.49
N ASP B 67 4.54 -18.88 -3.46
CA ASP B 67 5.57 -18.02 -2.85
C ASP B 67 5.68 -16.71 -3.60
N VAL B 68 5.61 -16.75 -4.92
CA VAL B 68 5.68 -15.53 -5.71
C VAL B 68 4.43 -14.69 -5.53
N VAL B 69 3.26 -15.33 -5.50
CA VAL B 69 2.00 -14.61 -5.37
C VAL B 69 1.91 -13.96 -3.98
N TYR B 70 2.33 -14.67 -2.94
CA TYR B 70 2.34 -14.08 -1.60
C TYR B 70 3.30 -12.90 -1.51
N ALA B 71 4.42 -12.96 -2.24
CA ALA B 71 5.40 -11.88 -2.21
C ALA B 71 4.90 -10.65 -2.97
N LEU B 72 4.29 -10.86 -4.15
CA LEU B 72 3.77 -9.74 -4.92
C LEU B 72 2.65 -9.02 -4.17
N LYS B 73 1.85 -9.78 -3.41
CA LYS B 73 0.79 -9.15 -2.61
C LYS B 73 1.38 -8.30 -1.49
N ARG B 74 2.51 -8.73 -0.92
CA ARG B 74 3.21 -7.92 0.08
C ARG B 74 3.62 -6.58 -0.51
N GLN B 75 4.23 -6.59 -1.68
CA GLN B 75 4.74 -5.37 -2.32
C GLN B 75 3.62 -4.44 -2.77
N GLY B 76 2.36 -4.85 -2.66
CA GLY B 76 1.27 -4.06 -3.20
C GLY B 76 1.01 -4.31 -4.67
N ARG B 77 1.48 -5.43 -5.21
CA ARG B 77 1.30 -5.76 -6.62
CA ARG B 77 1.28 -5.75 -6.62
C ARG B 77 0.57 -7.10 -6.76
N THR B 78 -0.63 -7.19 -6.19
CA THR B 78 -1.40 -8.43 -6.20
C THR B 78 -1.57 -8.95 -7.63
N LEU B 79 -1.46 -10.26 -7.78
CA LEU B 79 -1.52 -10.92 -9.08
C LEU B 79 -2.59 -12.00 -9.07
N TYR B 80 -3.41 -12.03 -10.10
CA TYR B 80 -4.42 -13.07 -10.29
C TYR B 80 -3.98 -14.06 -11.37
N GLY B 81 -4.43 -15.29 -11.23
CA GLY B 81 -4.22 -16.31 -12.25
C GLY B 81 -3.23 -17.40 -11.92
N PHE B 82 -2.61 -17.38 -10.74
CA PHE B 82 -1.64 -18.40 -10.37
C PHE B 82 -1.91 -19.00 -9.00
N GLY B 83 -3.01 -18.64 -8.35
CA GLY B 83 -3.36 -19.15 -7.04
C GLY B 83 -3.66 -18.03 -6.08
N GLY B 84 -4.03 -18.43 -4.86
CA GLY B 84 -4.36 -17.47 -3.82
C GLY B 84 -5.83 -17.15 -3.73
N THR C 3 9.24 -11.90 36.45
CA THR C 3 8.71 -11.43 35.17
C THR C 3 9.51 -12.01 34.01
N ARG C 4 8.82 -12.29 32.91
CA ARG C 4 9.49 -12.85 31.74
C ARG C 4 10.36 -11.82 31.03
N SER C 5 10.18 -10.53 31.30
CA SER C 5 11.02 -9.51 30.70
C SER C 5 12.43 -9.56 31.26
N SER C 6 12.56 -9.78 32.57
CA SER C 6 13.88 -9.89 33.18
C SER C 6 14.57 -11.19 32.77
N ARG C 7 13.80 -12.28 32.64
CA ARG C 7 14.38 -13.54 32.20
C ARG C 7 14.90 -13.46 30.78
N ALA C 8 14.34 -12.56 29.97
CA ALA C 8 14.82 -12.34 28.61
C ALA C 8 15.79 -11.17 28.51
N GLY C 9 15.98 -10.42 29.59
CA GLY C 9 16.85 -9.25 29.55
C GLY C 9 16.28 -8.08 28.80
N LEU C 10 14.96 -7.94 28.76
CA LEU C 10 14.28 -6.93 27.99
C LEU C 10 13.63 -5.90 28.90
N GLN C 11 13.47 -4.69 28.39
CA GLN C 11 12.75 -3.65 29.11
C GLN C 11 11.27 -3.61 28.74
N PHE C 12 10.92 -4.07 27.54
CA PHE C 12 9.55 -4.11 27.07
C PHE C 12 8.79 -5.27 27.72
N PRO C 13 7.48 -5.12 27.93
CA PRO C 13 6.72 -6.14 28.67
C PRO C 13 6.47 -7.40 27.86
N VAL C 14 7.26 -8.45 28.15
CA VAL C 14 7.04 -9.74 27.50
C VAL C 14 5.65 -10.29 27.82
N GLY C 15 5.18 -10.04 29.03
CA GLY C 15 3.85 -10.51 29.40
C GLY C 15 2.74 -9.81 28.65
N ARG C 16 2.86 -8.49 28.49
CA ARG C 16 1.82 -7.74 27.77
C ARG C 16 1.80 -8.11 26.29
N VAL C 17 2.98 -8.37 25.70
CA VAL C 17 3.02 -8.77 24.30
C VAL C 17 2.33 -10.11 24.10
N HIS C 18 2.53 -11.04 25.03
CA HIS C 18 1.92 -12.36 24.90
C HIS C 18 0.40 -12.26 24.96
N ARG C 19 -0.13 -11.37 25.80
CA ARG C 19 -1.58 -11.19 25.87
C ARG C 19 -2.12 -10.57 24.59
N LEU C 20 -1.43 -9.56 24.05
CA LEU C 20 -1.90 -8.89 22.85
C LEU C 20 -1.87 -9.81 21.63
N LEU C 21 -0.96 -10.80 21.63
CA LEU C 21 -0.96 -11.79 20.56
C LEU C 21 -2.14 -12.73 20.68
N ARG C 22 -2.52 -13.08 21.91
CA ARG C 22 -3.67 -13.96 22.13
C ARG C 22 -4.96 -13.29 21.73
N LYS C 23 -5.23 -12.11 22.29
CA LYS C 23 -6.49 -11.41 22.04
C LYS C 23 -6.50 -10.64 20.72
N GLY C 24 -5.46 -10.73 19.92
CA GLY C 24 -5.42 -10.10 18.62
C GLY C 24 -5.92 -10.94 17.48
N ASN C 25 -6.30 -12.20 17.74
CA ASN C 25 -6.83 -13.10 16.72
C ASN C 25 -5.85 -13.29 15.56
N TYR C 26 -4.60 -13.58 15.90
CA TYR C 26 -3.57 -13.85 14.90
C TYR C 26 -3.42 -15.33 14.63
N ALA C 27 -3.65 -16.19 15.62
CA ALA C 27 -3.59 -17.63 15.45
C ALA C 27 -4.30 -18.28 16.62
N GLU C 28 -4.59 -19.58 16.46
CA GLU C 28 -5.29 -20.32 17.51
C GLU C 28 -4.47 -20.36 18.80
N ARG C 29 -3.15 -20.52 18.67
CA ARG C 29 -2.26 -20.61 19.83
C ARG C 29 -1.00 -19.81 19.58
N VAL C 30 -0.45 -19.25 20.65
CA VAL C 30 0.76 -18.43 20.61
C VAL C 30 1.84 -19.15 21.40
N GLY C 31 2.89 -19.59 20.71
CA GLY C 31 3.96 -20.29 21.38
C GLY C 31 4.84 -19.36 22.19
N ALA C 32 5.48 -19.93 23.21
CA ALA C 32 6.41 -19.17 24.03
C ALA C 32 7.63 -18.78 23.22
N GLY C 33 8.27 -17.69 23.64
CA GLY C 33 9.41 -17.15 22.93
C GLY C 33 9.03 -16.16 21.85
N ALA C 34 7.90 -16.42 21.19
CA ALA C 34 7.38 -15.46 20.23
C ALA C 34 7.08 -14.10 20.86
N PRO C 35 6.48 -14.00 22.06
CA PRO C 35 6.35 -12.66 22.66
C PRO C 35 7.69 -12.05 23.05
N VAL C 36 8.64 -12.87 23.52
CA VAL C 36 9.94 -12.33 23.91
C VAL C 36 10.75 -11.94 22.66
N TYR C 37 10.54 -12.65 21.54
CA TYR C 37 11.20 -12.26 20.30
C TYR C 37 10.63 -10.95 19.79
N LEU C 38 9.30 -10.82 19.77
CA LEU C 38 8.67 -9.60 19.27
C LEU C 38 8.94 -8.42 20.20
N ALA C 39 8.90 -8.65 21.51
CA ALA C 39 9.20 -7.57 22.45
C ALA C 39 10.63 -7.06 22.28
N ALA C 40 11.56 -7.97 21.98
CA ALA C 40 12.94 -7.57 21.75
C ALA C 40 13.08 -6.78 20.45
N VAL C 41 12.34 -7.19 19.41
CA VAL C 41 12.39 -6.46 18.15
C VAL C 41 11.78 -5.07 18.29
N LEU C 42 10.68 -4.96 19.05
CA LEU C 42 10.08 -3.66 19.29
C LEU C 42 10.98 -2.80 20.17
N GLU C 43 11.65 -3.40 21.14
CA GLU C 43 12.58 -2.65 21.99
C GLU C 43 13.79 -2.18 21.20
N TYR C 44 14.26 -3.00 20.25
CA TYR C 44 15.39 -2.59 19.43
C TYR C 44 15.04 -1.41 18.52
N LEU C 45 13.86 -1.46 17.90
CA LEU C 45 13.46 -0.40 16.97
C LEU C 45 13.23 0.92 17.70
N THR C 46 12.64 0.85 18.90
CA THR C 46 12.50 2.07 19.69
C THR C 46 13.85 2.62 20.12
N ALA C 47 14.80 1.72 20.41
CA ALA C 47 16.15 2.17 20.75
C ALA C 47 16.83 2.81 19.55
N GLU C 48 16.56 2.30 18.35
CA GLU C 48 17.19 2.87 17.16
C GLU C 48 16.67 4.27 16.87
N ILE C 49 15.36 4.50 17.07
CA ILE C 49 14.80 5.82 16.82
C ILE C 49 15.21 6.80 17.91
N LEU C 50 15.14 6.37 19.17
CA LEU C 50 15.52 7.25 20.27
C LEU C 50 17.01 7.59 20.24
N GLU C 51 17.84 6.70 19.68
CA GLU C 51 19.26 7.00 19.52
C GLU C 51 19.46 8.15 18.54
N LEU C 52 18.79 8.10 17.40
CA LEU C 52 18.95 9.14 16.38
C LEU C 52 18.16 10.40 16.71
N ALA C 53 17.02 10.26 17.40
CA ALA C 53 16.25 11.43 17.78
C ALA C 53 16.92 12.18 18.93
N GLY C 54 17.49 11.44 19.89
CA GLY C 54 18.25 12.09 20.95
C GLY C 54 19.44 12.85 20.43
N ASN C 55 20.09 12.32 19.38
CA ASN C 55 21.16 13.06 18.73
C ASN C 55 20.62 14.32 18.06
N ALA C 56 19.43 14.24 17.45
CA ALA C 56 18.84 15.41 16.84
C ALA C 56 18.50 16.47 17.88
N ALA C 57 18.09 16.04 19.09
CA ALA C 57 17.82 16.99 20.16
C ALA C 57 19.09 17.68 20.61
N ARG C 58 20.18 16.93 20.75
CA ARG C 58 21.45 17.53 21.14
C ARG C 58 21.99 18.47 20.07
N ASP C 59 21.73 18.16 18.79
CA ASP C 59 22.14 19.05 17.72
C ASP C 59 21.28 20.32 17.68
N ASN C 60 20.01 20.20 18.04
CA ASN C 60 19.10 21.34 18.10
C ASN C 60 19.14 22.06 19.45
N LYS C 61 20.10 21.71 20.30
CA LYS C 61 20.30 22.38 21.59
C LYS C 61 19.06 22.26 22.49
N LYS C 62 18.53 21.05 22.58
CA LYS C 62 17.42 20.74 23.46
C LYS C 62 17.65 19.38 24.10
N THR C 63 17.14 19.21 25.32
CA THR C 63 17.32 17.94 26.03
C THR C 63 16.10 17.04 25.97
N ARG C 64 14.92 17.58 25.66
CA ARG C 64 13.71 16.78 25.52
C ARG C 64 13.41 16.57 24.06
N ILE C 65 13.14 15.32 23.69
CA ILE C 65 12.86 14.95 22.30
C ILE C 65 11.44 15.41 21.95
N ILE C 66 11.33 16.23 20.91
CA ILE C 66 10.04 16.72 20.43
C ILE C 66 9.71 15.99 19.13
N PRO C 67 8.47 16.08 18.62
CA PRO C 67 8.17 15.44 17.33
C PRO C 67 9.10 15.85 16.20
N ARG C 68 9.59 17.09 16.21
CA ARG C 68 10.54 17.51 15.19
C ARG C 68 11.80 16.64 15.21
N HIS C 69 12.28 16.30 16.40
CA HIS C 69 13.47 15.47 16.51
C HIS C 69 13.21 14.04 16.06
N LEU C 70 11.97 13.57 16.17
CA LEU C 70 11.63 12.25 15.65
C LEU C 70 11.55 12.25 14.13
N GLN C 71 11.04 13.34 13.55
CA GLN C 71 10.95 13.42 12.09
C GLN C 71 12.33 13.56 11.47
N LEU C 72 13.22 14.35 12.09
CA LEU C 72 14.58 14.47 11.58
C LEU C 72 15.34 13.14 11.66
N ALA C 73 15.04 12.32 12.68
CA ALA C 73 15.77 11.07 12.83
C ALA C 73 15.32 10.02 11.83
N VAL C 74 14.03 10.03 11.45
CA VAL C 74 13.52 9.00 10.56
C VAL C 74 13.77 9.36 9.11
N ARG C 75 13.55 10.62 8.74
CA ARG C 75 13.69 11.02 7.35
C ARG C 75 15.14 11.10 6.90
N ASN C 76 16.08 11.19 7.84
CA ASN C 76 17.50 11.20 7.51
C ASN C 76 18.14 9.81 7.52
N ASP C 77 17.42 8.81 7.99
CA ASP C 77 17.86 7.42 7.93
C ASP C 77 17.18 6.72 6.77
N GLU C 78 17.98 6.07 5.92
CA GLU C 78 17.44 5.47 4.70
C GLU C 78 16.41 4.38 5.01
N GLU C 79 16.62 3.63 6.09
CA GLU C 79 15.79 2.47 6.34
C GLU C 79 14.58 2.77 7.24
N LEU C 80 14.76 3.63 8.24
CA LEU C 80 13.60 4.07 9.02
C LEU C 80 12.62 4.85 8.14
N ASN C 81 13.13 5.57 7.15
CA ASN C 81 12.26 6.26 6.21
C ASN C 81 11.51 5.27 5.31
N LYS C 82 12.15 4.15 4.96
CA LYS C 82 11.48 3.18 4.12
C LYS C 82 10.47 2.36 4.92
N LEU C 83 10.78 2.08 6.19
CA LEU C 83 9.81 1.42 7.06
C LEU C 83 8.63 2.33 7.36
N LEU C 84 8.87 3.64 7.49
CA LEU C 84 7.82 4.61 7.76
C LEU C 84 7.56 5.50 6.53
N GLY C 85 7.54 4.89 5.35
CA GLY C 85 7.31 5.66 4.14
C GLY C 85 5.88 6.16 4.02
N ARG C 86 4.91 5.29 4.29
CA ARG C 86 3.49 5.67 4.27
C ARG C 86 2.98 6.08 5.65
N VAL C 87 3.82 6.71 6.45
CA VAL C 87 3.48 7.12 7.82
C VAL C 87 3.70 8.61 7.95
N THR C 88 2.79 9.28 8.65
CA THR C 88 2.88 10.71 8.91
C THR C 88 3.13 10.94 10.39
N ILE C 89 4.22 11.62 10.70
CA ILE C 89 4.55 11.97 12.09
C ILE C 89 4.02 13.38 12.36
N ALA C 90 3.11 13.48 13.33
CA ALA C 90 2.46 14.75 13.60
C ALA C 90 3.44 15.76 14.19
N GLN C 91 3.31 17.01 13.75
CA GLN C 91 4.15 18.11 14.22
C GLN C 91 5.63 17.83 13.98
N GLY C 92 5.93 17.19 12.86
CA GLY C 92 7.31 16.84 12.54
C GLY C 92 7.93 17.74 11.49
N GLY C 93 7.10 18.36 10.66
CA GLY C 93 7.64 19.20 9.60
C GLY C 93 8.30 18.37 8.51
N VAL C 94 9.08 19.06 7.68
CA VAL C 94 9.79 18.45 6.57
C VAL C 94 11.27 18.78 6.68
N LEU C 95 12.08 18.05 5.93
CA LEU C 95 13.51 18.32 5.90
C LEU C 95 13.79 19.57 5.08
N PRO C 96 14.77 20.38 5.48
CA PRO C 96 15.17 21.52 4.65
C PRO C 96 15.75 21.06 3.32
N ASN C 97 15.02 21.31 2.23
CA ASN C 97 15.44 20.86 0.91
C ASN C 97 14.98 21.89 -0.12
N ILE C 98 15.93 22.66 -0.64
CA ILE C 98 15.66 23.62 -1.72
C ILE C 98 16.24 23.05 -3.00
N GLN C 99 15.46 23.13 -4.08
CA GLN C 99 15.94 22.64 -5.37
C GLN C 99 17.02 23.56 -5.92
N SER C 100 18.01 22.96 -6.59
CA SER C 100 19.16 23.73 -7.05
C SER C 100 18.77 24.75 -8.11
N VAL C 101 17.81 24.42 -8.97
CA VAL C 101 17.38 25.35 -10.01
C VAL C 101 16.60 26.53 -9.46
N LEU C 102 16.25 26.51 -8.18
CA LEU C 102 15.54 27.61 -7.55
C LEU C 102 16.46 28.59 -6.82
N LEU C 103 17.74 28.25 -6.67
CA LEU C 103 18.70 29.14 -6.03
C LEU C 103 19.19 30.20 -7.01
N PRO C 104 19.46 31.41 -6.53
CA PRO C 104 19.96 32.46 -7.41
C PRO C 104 21.43 32.26 -7.77
N LYS C 105 21.84 32.95 -8.83
CA LYS C 105 23.22 32.86 -9.29
C LYS C 105 24.03 34.08 -8.83
N THR D 1 -10.39 5.98 33.97
CA THR D 1 -10.33 4.63 33.45
C THR D 1 -8.88 4.24 33.13
N ARG D 2 -8.53 2.99 33.40
CA ARG D 2 -7.17 2.51 33.26
C ARG D 2 -6.85 2.29 31.78
N LYS D 3 -6.00 3.14 31.22
CA LYS D 3 -5.53 3.02 29.85
C LYS D 3 -4.06 2.62 29.85
N GLU D 4 -3.70 1.74 28.92
CA GLU D 4 -2.35 1.19 28.86
C GLU D 4 -1.58 1.79 27.69
N SER D 5 -0.25 1.80 27.82
CA SER D 5 0.62 2.32 26.77
C SER D 5 2.02 1.76 27.01
N TYR D 6 2.96 2.18 26.15
CA TYR D 6 4.37 1.81 26.27
C TYR D 6 5.21 2.95 26.82
N ALA D 7 4.60 3.87 27.58
CA ALA D 7 5.32 5.07 28.01
C ALA D 7 6.48 4.72 28.94
N ILE D 8 6.22 3.89 29.95
CA ILE D 8 7.26 3.57 30.92
C ILE D 8 8.36 2.70 30.32
N TYR D 9 8.10 2.05 29.19
CA TYR D 9 9.08 1.15 28.58
C TYR D 9 10.02 1.88 27.63
N VAL D 10 9.53 2.88 26.90
CA VAL D 10 10.41 3.67 26.05
C VAL D 10 11.28 4.61 26.89
N TYR D 11 10.85 4.93 28.12
CA TYR D 11 11.70 5.70 29.02
C TYR D 11 12.93 4.88 29.43
N LYS D 12 12.70 3.65 29.89
CA LYS D 12 13.82 2.78 30.26
C LYS D 12 14.75 2.54 29.10
N VAL D 13 14.21 2.51 27.87
CA VAL D 13 15.06 2.40 26.69
C VAL D 13 15.76 3.72 26.41
N LEU D 14 15.05 4.85 26.58
CA LEU D 14 15.66 6.16 26.36
C LEU D 14 16.80 6.41 27.34
N LYS D 15 16.69 5.90 28.57
CA LYS D 15 17.72 6.14 29.57
C LYS D 15 18.97 5.28 29.33
N GLN D 16 18.85 4.22 28.53
CA GLN D 16 19.99 3.38 28.18
C GLN D 16 20.78 3.90 27.00
N VAL D 17 20.16 4.67 26.11
CA VAL D 17 20.84 5.18 24.93
C VAL D 17 21.23 6.64 25.17
N HIS D 18 20.44 7.35 25.97
CA HIS D 18 20.71 8.75 26.29
C HIS D 18 20.19 9.03 27.68
N PRO D 19 21.01 8.83 28.72
CA PRO D 19 20.53 9.02 30.09
C PRO D 19 20.16 10.46 30.42
N ASP D 20 20.84 11.44 29.82
CA ASP D 20 20.60 12.85 30.10
C ASP D 20 19.69 13.51 29.07
N THR D 21 18.63 12.83 28.64
CA THR D 21 17.66 13.39 27.71
C THR D 21 16.25 13.09 28.20
N GLY D 22 15.30 13.88 27.70
CA GLY D 22 13.90 13.68 28.03
C GLY D 22 13.04 13.49 26.80
N ILE D 23 11.72 13.59 26.96
CA ILE D 23 10.80 13.42 25.85
C ILE D 23 9.47 14.05 26.24
N SER D 24 8.86 14.77 25.30
CA SER D 24 7.62 15.47 25.55
C SER D 24 6.42 14.55 25.34
N SER D 25 5.25 15.02 25.78
CA SER D 25 4.03 14.23 25.64
C SER D 25 3.64 14.07 24.17
N LYS D 26 3.91 15.07 23.35
CA LYS D 26 3.63 14.93 21.92
C LYS D 26 4.48 13.83 21.31
N ALA D 27 5.79 13.84 21.58
CA ALA D 27 6.67 12.80 21.06
C ALA D 27 6.43 11.45 21.74
N MET D 28 5.87 11.44 22.95
CA MET D 28 5.57 10.18 23.62
C MET D 28 4.46 9.42 22.91
N SER D 29 3.39 10.14 22.52
CA SER D 29 2.32 9.49 21.77
C SER D 29 2.80 9.01 20.41
N ILE D 30 3.76 9.72 19.80
CA ILE D 30 4.29 9.29 18.52
C ILE D 30 5.08 7.99 18.68
N MET D 31 5.87 7.88 19.76
CA MET D 31 6.55 6.63 20.05
C MET D 31 5.54 5.53 20.38
N ASN D 32 4.51 5.87 21.16
CA ASN D 32 3.49 4.89 21.49
C ASN D 32 2.77 4.39 20.25
N SER D 33 2.48 5.29 19.31
CA SER D 33 1.83 4.88 18.07
C SER D 33 2.78 4.08 17.19
N PHE D 34 4.08 4.38 17.25
CA PHE D 34 5.04 3.64 16.44
C PHE D 34 5.14 2.18 16.87
N VAL D 35 5.11 1.92 18.18
CA VAL D 35 5.22 0.55 18.67
C VAL D 35 4.00 -0.26 18.26
N ASN D 36 2.80 0.33 18.39
CA ASN D 36 1.58 -0.41 18.08
C ASN D 36 1.51 -0.75 16.59
N ASP D 37 1.92 0.19 15.73
CA ASP D 37 1.88 -0.05 14.30
C ASP D 37 2.84 -1.18 13.90
N VAL D 38 4.07 -1.12 14.40
CA VAL D 38 5.04 -2.17 14.10
C VAL D 38 4.61 -3.49 14.72
N PHE D 39 4.01 -3.44 15.91
CA PHE D 39 3.46 -4.65 16.52
C PHE D 39 2.42 -5.30 15.60
N GLU D 40 1.46 -4.52 15.12
CA GLU D 40 0.43 -5.08 14.26
C GLU D 40 1.00 -5.55 12.93
N ARG D 41 1.93 -4.79 12.35
CA ARG D 41 2.49 -5.16 11.06
C ARG D 41 3.28 -6.46 11.15
N ILE D 42 4.02 -6.66 12.25
CA ILE D 42 4.78 -7.89 12.40
C ILE D 42 3.84 -9.07 12.71
N ALA D 43 2.95 -8.88 13.68
CA ALA D 43 2.02 -9.95 14.05
C ALA D 43 1.10 -10.32 12.90
N GLY D 44 0.73 -9.34 12.07
CA GLY D 44 -0.12 -9.64 10.92
C GLY D 44 0.59 -10.50 9.90
N GLU D 45 1.86 -10.19 9.61
CA GLU D 45 2.63 -11.02 8.69
C GLU D 45 2.83 -12.42 9.24
N ALA D 46 3.06 -12.53 10.56
CA ALA D 46 3.23 -13.83 11.18
C ALA D 46 1.93 -14.64 11.15
N SER D 47 0.78 -13.95 11.21
CA SER D 47 -0.50 -14.64 11.09
C SER D 47 -0.65 -15.27 9.71
N ARG D 48 -0.39 -14.49 8.66
CA ARG D 48 -0.47 -15.03 7.30
C ARG D 48 0.55 -16.13 7.09
N LEU D 49 1.72 -16.02 7.71
CA LEU D 49 2.74 -17.06 7.59
C LEU D 49 2.21 -18.41 8.09
N ALA D 50 1.60 -18.42 9.27
CA ALA D 50 1.06 -19.66 9.80
C ALA D 50 -0.10 -20.18 8.94
N HIS D 51 -0.94 -19.28 8.44
CA HIS D 51 -2.05 -19.70 7.60
CA HIS D 51 -2.05 -19.70 7.60
C HIS D 51 -1.57 -20.25 6.27
N TYR D 52 -0.55 -19.63 5.68
CA TYR D 52 -0.03 -20.10 4.40
C TYR D 52 0.52 -21.51 4.48
N ASN D 53 1.07 -21.89 5.64
CA ASN D 53 1.70 -23.18 5.82
C ASN D 53 0.81 -24.18 6.57
N LYS D 54 -0.49 -23.90 6.65
CA LYS D 54 -1.46 -24.81 7.26
C LYS D 54 -1.08 -25.14 8.72
N ARG D 55 -0.54 -24.16 9.42
CA ARG D 55 -0.11 -24.33 10.80
C ARG D 55 -0.97 -23.47 11.73
N SER D 56 -1.09 -23.91 12.98
CA SER D 56 -1.98 -23.28 13.95
C SER D 56 -1.25 -22.42 14.96
N THR D 57 0.09 -22.39 14.93
CA THR D 57 0.87 -21.74 15.96
C THR D 57 1.73 -20.63 15.38
N ILE D 58 1.84 -19.53 16.11
CA ILE D 58 2.79 -18.47 15.80
C ILE D 58 3.90 -18.58 16.84
N THR D 59 5.02 -19.17 16.44
CA THR D 59 6.18 -19.31 17.30
C THR D 59 7.19 -18.21 16.96
N SER D 60 8.36 -18.29 17.62
CA SER D 60 9.40 -17.30 17.37
C SER D 60 9.92 -17.37 15.93
N ARG D 61 9.75 -18.51 15.26
CA ARG D 61 10.21 -18.63 13.88
C ARG D 61 9.33 -17.84 12.92
N GLU D 62 8.01 -17.79 13.18
CA GLU D 62 7.13 -16.97 12.37
C GLU D 62 7.40 -15.49 12.61
N ILE D 63 7.75 -15.11 13.83
CA ILE D 63 8.09 -13.72 14.12
C ILE D 63 9.38 -13.33 13.40
N GLN D 64 10.35 -14.25 13.37
CA GLN D 64 11.62 -13.95 12.70
C GLN D 64 11.44 -13.76 11.20
N THR D 65 10.80 -14.72 10.54
CA THR D 65 10.58 -14.60 9.10
C THR D 65 9.64 -13.44 8.75
N ALA D 66 8.81 -13.01 9.68
CA ALA D 66 8.00 -11.81 9.48
C ALA D 66 8.85 -10.54 9.59
N VAL D 67 9.87 -10.55 10.45
CA VAL D 67 10.76 -9.41 10.55
C VAL D 67 11.59 -9.27 9.27
N ARG D 68 12.06 -10.38 8.72
CA ARG D 68 12.86 -10.34 7.50
C ARG D 68 12.07 -9.84 6.30
N LEU D 69 10.74 -9.99 6.32
CA LEU D 69 9.87 -9.49 5.26
C LEU D 69 9.53 -8.02 5.44
N LEU D 70 9.39 -7.55 6.68
CA LEU D 70 8.94 -6.19 6.94
C LEU D 70 10.08 -5.21 7.13
N LEU D 71 11.13 -5.60 7.86
CA LEU D 71 12.13 -4.56 8.09
C LEU D 71 13.17 -4.55 6.99
N PRO D 72 13.67 -3.36 6.62
CA PRO D 72 14.75 -3.27 5.64
C PRO D 72 15.97 -4.09 6.06
N GLY D 73 16.85 -4.35 5.09
CA GLY D 73 17.89 -5.34 5.28
C GLY D 73 18.74 -5.11 6.52
N GLU D 74 19.33 -3.92 6.65
CA GLU D 74 20.24 -3.68 7.77
C GLU D 74 19.49 -3.57 9.09
N LEU D 75 18.26 -3.06 9.07
CA LEU D 75 17.44 -3.03 10.28
C LEU D 75 16.98 -4.43 10.67
N ALA D 76 16.63 -5.25 9.68
CA ALA D 76 16.17 -6.61 9.96
C ALA D 76 17.30 -7.49 10.47
N LYS D 77 18.53 -7.26 9.99
CA LYS D 77 19.65 -8.09 10.42
C LYS D 77 19.92 -7.92 11.92
N HIS D 78 19.87 -6.67 12.41
CA HIS D 78 20.09 -6.43 13.83
C HIS D 78 18.87 -6.77 14.67
N ALA D 79 17.67 -6.69 14.09
CA ALA D 79 16.48 -7.09 14.82
C ALA D 79 16.46 -8.59 15.11
N VAL D 80 16.83 -9.40 14.12
CA VAL D 80 16.96 -10.84 14.34
C VAL D 80 18.04 -11.12 15.37
N SER D 81 19.11 -10.31 15.36
CA SER D 81 20.15 -10.45 16.38
C SER D 81 19.59 -10.19 17.77
N GLU D 82 18.77 -9.13 17.91
CA GLU D 82 18.16 -8.85 19.20
C GLU D 82 17.12 -9.90 19.56
N GLY D 83 16.36 -10.37 18.56
CA GLY D 83 15.33 -11.36 18.84
C GLY D 83 15.92 -12.71 19.25
N THR D 84 16.88 -13.21 18.47
CA THR D 84 17.48 -14.50 18.77
C THR D 84 18.23 -14.47 20.11
N LYS D 85 18.81 -13.32 20.47
CA LYS D 85 19.51 -13.22 21.74
C LYS D 85 18.56 -13.35 22.91
N ALA D 86 17.45 -12.62 22.87
CA ALA D 86 16.50 -12.64 23.98
C ALA D 86 15.86 -14.02 24.16
N VAL D 87 15.63 -14.74 23.06
CA VAL D 87 14.98 -16.04 23.15
C VAL D 87 15.90 -17.06 23.82
N THR D 88 17.17 -17.11 23.38
CA THR D 88 18.11 -18.04 23.98
C THR D 88 18.42 -17.68 25.43
N LYS D 89 18.40 -16.38 25.76
CA LYS D 89 18.60 -15.97 27.14
C LYS D 89 17.37 -16.28 27.99
N TYR D 90 16.18 -16.14 27.41
CA TYR D 90 14.95 -16.48 28.11
C TYR D 90 14.86 -17.98 28.38
N THR D 91 15.45 -18.80 27.51
CA THR D 91 15.43 -20.25 27.70
C THR D 91 16.45 -20.70 28.74
N SER D 92 17.60 -20.02 28.82
CA SER D 92 18.62 -20.41 29.79
C SER D 92 18.18 -20.13 31.22
N ALA D 93 17.57 -18.97 31.46
CA ALA D 93 17.11 -18.61 32.78
C ALA D 93 15.84 -19.36 33.15
N HIS E 1 14.98 48.79 1.76
CA HIS E 1 14.74 48.92 0.32
C HIS E 1 13.75 47.86 -0.16
N ARG E 2 13.88 47.48 -1.44
CA ARG E 2 12.97 46.54 -2.08
C ARG E 2 13.75 45.32 -2.53
N TYR E 3 13.24 44.14 -2.19
CA TYR E 3 13.87 42.89 -2.58
C TYR E 3 13.38 42.44 -3.95
N ARG E 4 14.28 41.80 -4.69
CA ARG E 4 13.93 41.30 -6.01
C ARG E 4 12.93 40.15 -5.90
N PRO E 5 12.11 39.92 -6.93
CA PRO E 5 11.13 38.83 -6.87
C PRO E 5 11.81 37.48 -6.76
N GLY E 6 11.41 36.71 -5.75
CA GLY E 6 11.99 35.42 -5.46
C GLY E 6 12.98 35.40 -4.32
N THR E 7 13.41 36.57 -3.84
CA THR E 7 14.38 36.62 -2.76
C THR E 7 13.76 36.20 -1.43
N VAL E 8 12.65 36.85 -1.05
CA VAL E 8 11.97 36.46 0.18
C VAL E 8 11.14 35.19 0.00
N ALA E 9 10.88 34.79 -1.26
CA ALA E 9 10.20 33.53 -1.49
C ALA E 9 11.05 32.36 -1.01
N LEU E 10 12.34 32.36 -1.38
CA LEU E 10 13.26 31.36 -0.85
C LEU E 10 13.42 31.52 0.67
N ARG E 11 13.32 32.75 1.16
CA ARG E 11 13.40 32.98 2.60
C ARG E 11 12.21 32.35 3.32
N GLU E 12 11.03 32.37 2.69
CA GLU E 12 9.87 31.72 3.28
C GLU E 12 10.01 30.21 3.26
N ILE E 13 10.61 29.66 2.20
CA ILE E 13 10.82 28.21 2.13
C ILE E 13 11.71 27.75 3.27
N ARG E 14 12.82 28.48 3.50
CA ARG E 14 13.70 28.14 4.62
CA ARG E 14 13.70 28.14 4.62
C ARG E 14 13.02 28.36 5.96
N ARG E 15 12.05 29.29 6.02
CA ARG E 15 11.39 29.57 7.29
C ARG E 15 10.39 28.49 7.66
N TYR E 16 9.58 28.05 6.69
CA TYR E 16 8.54 27.06 6.95
C TYR E 16 9.05 25.63 6.92
N GLN E 17 10.16 25.35 6.24
CA GLN E 17 10.75 24.02 6.32
C GLN E 17 11.50 23.81 7.63
N LYS E 18 11.86 24.89 8.31
CA LYS E 18 12.50 24.83 9.62
C LYS E 18 11.52 24.66 10.77
N SER E 19 10.27 25.08 10.59
CA SER E 19 9.26 25.03 11.63
C SER E 19 8.30 23.87 11.39
N THR E 20 7.49 23.58 12.40
CA THR E 20 6.55 22.46 12.35
C THR E 20 5.11 22.84 12.64
N GLU E 21 4.81 24.11 12.89
CA GLU E 21 3.45 24.50 13.23
C GLU E 21 2.53 24.34 12.03
N LEU E 22 1.23 24.33 12.31
CA LEU E 22 0.24 24.24 11.25
C LEU E 22 0.13 25.56 10.52
N LEU E 23 -0.14 25.47 9.21
CA LEU E 23 -0.15 26.65 8.34
C LEU E 23 -1.55 27.08 7.92
N ILE E 24 -2.57 26.26 8.13
CA ILE E 24 -3.95 26.61 7.84
C ILE E 24 -4.61 27.06 9.13
N ARG E 25 -5.40 28.14 9.05
CA ARG E 25 -6.13 28.60 10.22
C ARG E 25 -7.10 27.53 10.69
N LYS E 26 -7.18 27.35 12.01
CA LYS E 26 -7.87 26.19 12.56
C LYS E 26 -9.38 26.33 12.45
N LEU E 27 -9.91 27.54 12.69
CA LEU E 27 -11.36 27.71 12.65
C LEU E 27 -11.93 27.59 11.23
N PRO E 28 -11.36 28.24 10.21
CA PRO E 28 -11.86 27.99 8.84
C PRO E 28 -11.72 26.54 8.41
N PHE E 29 -10.69 25.85 8.90
CA PHE E 29 -10.53 24.43 8.58
C PHE E 29 -11.56 23.59 9.33
N GLN E 30 -11.87 23.97 10.57
CA GLN E 30 -12.84 23.21 11.35
C GLN E 30 -14.24 23.35 10.75
N ARG E 31 -14.59 24.53 10.25
CA ARG E 31 -15.88 24.70 9.60
C ARG E 31 -15.94 23.92 8.29
N LEU E 32 -14.81 23.77 7.59
CA LEU E 32 -14.78 22.97 6.39
C LEU E 32 -14.97 21.48 6.70
N VAL E 33 -14.44 21.02 7.84
CA VAL E 33 -14.61 19.62 8.22
C VAL E 33 -16.05 19.33 8.57
N ARG E 34 -16.69 20.21 9.34
CA ARG E 34 -18.08 19.98 9.73
C ARG E 34 -19.03 20.11 8.55
N GLU E 35 -18.67 20.90 7.55
CA GLU E 35 -19.50 21.01 6.36
C GLU E 35 -19.48 19.72 5.55
N ILE E 36 -18.30 19.13 5.37
CA ILE E 36 -18.19 17.90 4.59
C ILE E 36 -18.81 16.74 5.37
N ALA E 37 -18.65 16.72 6.69
CA ALA E 37 -19.22 15.65 7.50
C ALA E 37 -20.74 15.73 7.53
N GLN E 38 -21.31 16.93 7.40
CA GLN E 38 -22.75 17.08 7.40
C GLN E 38 -23.39 16.39 6.20
N ASP E 39 -22.64 16.23 5.11
CA ASP E 39 -23.15 15.58 3.92
C ASP E 39 -23.16 14.06 4.02
N PHE E 40 -22.53 13.48 5.04
CA PHE E 40 -22.53 12.04 5.24
C PHE E 40 -23.42 11.59 6.38
N LYS E 41 -23.50 12.37 7.46
CA LYS E 41 -24.45 12.11 8.53
C LYS E 41 -24.70 13.41 9.27
N THR E 42 -25.96 13.65 9.63
CA THR E 42 -26.35 14.87 10.31
C THR E 42 -26.24 14.70 11.82
N ASP E 43 -26.18 15.85 12.51
CA ASP E 43 -26.08 15.91 13.96
C ASP E 43 -24.87 15.13 14.46
N LEU E 44 -23.69 15.55 13.99
CA LEU E 44 -22.43 14.95 14.37
C LEU E 44 -21.60 15.91 15.21
N ARG E 45 -20.86 15.34 16.15
CA ARG E 45 -19.93 16.09 16.98
C ARG E 45 -18.51 15.61 16.72
N PHE E 46 -17.55 16.49 17.02
CA PHE E 46 -16.15 16.22 16.75
C PHE E 46 -15.33 16.46 18.00
N GLN E 47 -14.47 15.52 18.35
CA GLN E 47 -13.51 15.74 19.42
C GLN E 47 -12.46 16.76 18.98
N SER E 48 -11.88 17.45 19.97
CA SER E 48 -10.82 18.41 19.67
C SER E 48 -9.64 17.71 19.00
N SER E 49 -9.26 16.53 19.50
CA SER E 49 -8.18 15.77 18.88
C SER E 49 -8.57 15.21 17.52
N ALA E 50 -9.86 15.03 17.26
CA ALA E 50 -10.28 14.49 15.97
C ALA E 50 -10.11 15.51 14.85
N VAL E 51 -10.42 16.79 15.13
CA VAL E 51 -10.24 17.82 14.11
C VAL E 51 -8.75 18.10 13.89
N MET E 52 -7.96 18.09 14.97
CA MET E 52 -6.52 18.30 14.82
C MET E 52 -5.86 17.14 14.10
N ALA E 53 -6.40 15.92 14.23
CA ALA E 53 -5.85 14.79 13.50
C ALA E 53 -6.08 14.96 12.00
N LEU E 54 -7.24 15.48 11.61
CA LEU E 54 -7.50 15.72 10.19
C LEU E 54 -6.61 16.81 9.63
N GLN E 55 -6.33 17.84 10.43
CA GLN E 55 -5.51 18.95 9.96
C GLN E 55 -4.05 18.53 9.82
N GLU E 56 -3.56 17.68 10.72
CA GLU E 56 -2.20 17.18 10.60
C GLU E 56 -2.04 16.31 9.36
N ALA E 57 -3.07 15.53 9.02
CA ALA E 57 -2.99 14.68 7.84
C ALA E 57 -3.21 15.45 6.55
N SER E 58 -4.09 16.47 6.59
CA SER E 58 -4.39 17.23 5.38
C SER E 58 -3.21 18.09 4.96
N GLU E 59 -2.55 18.76 5.93
CA GLU E 59 -1.40 19.59 5.58
C GLU E 59 -0.23 18.73 5.13
N ALA E 60 0.04 17.62 5.82
CA ALA E 60 1.13 16.74 5.44
C ALA E 60 0.88 16.11 4.07
N TYR E 61 -0.39 15.91 3.70
CA TYR E 61 -0.70 15.41 2.37
C TYR E 61 -0.42 16.49 1.31
N LEU E 62 -0.83 17.72 1.58
CA LEU E 62 -0.65 18.80 0.59
C LEU E 62 0.81 19.17 0.44
N VAL E 63 1.54 19.23 1.56
CA VAL E 63 2.97 19.58 1.49
C VAL E 63 3.72 18.54 0.65
N ALA E 64 3.44 17.25 0.90
CA ALA E 64 4.03 16.21 0.06
C ALA E 64 3.56 16.31 -1.38
N LEU E 65 2.34 16.82 -1.59
CA LEU E 65 1.84 16.98 -2.95
C LEU E 65 2.53 18.13 -3.67
N PHE E 66 2.82 19.22 -2.96
CA PHE E 66 3.55 20.32 -3.58
C PHE E 66 4.99 19.93 -3.90
N GLU E 67 5.58 19.04 -3.10
CA GLU E 67 6.92 18.54 -3.42
C GLU E 67 6.91 17.78 -4.75
N ASP E 68 5.90 16.93 -4.96
CA ASP E 68 5.76 16.25 -6.23
C ASP E 68 5.35 17.23 -7.33
N THR E 69 4.50 18.20 -6.98
CA THR E 69 4.11 19.21 -7.95
C THR E 69 5.29 20.05 -8.39
N ASN E 70 6.16 20.42 -7.44
CA ASN E 70 7.33 21.22 -7.77
C ASN E 70 8.27 20.46 -8.70
N LEU E 71 8.43 19.15 -8.49
CA LEU E 71 9.31 18.36 -9.35
C LEU E 71 8.76 18.25 -10.77
N CYS E 72 7.44 18.22 -10.92
CA CYS E 72 6.86 18.18 -12.27
C CYS E 72 7.12 19.47 -13.01
N ALA E 73 7.05 20.61 -12.31
CA ALA E 73 7.33 21.89 -12.95
C ALA E 73 8.79 21.98 -13.39
N ILE E 74 9.71 21.57 -12.52
CA ILE E 74 11.13 21.58 -12.89
C ILE E 74 11.39 20.62 -14.05
N HIS E 75 10.66 19.50 -14.10
CA HIS E 75 10.83 18.56 -15.21
C HIS E 75 10.46 19.20 -16.54
N ALA E 76 9.54 20.16 -16.54
CA ALA E 76 9.14 20.87 -17.74
C ALA E 76 9.90 22.18 -17.92
N LYS E 77 11.11 22.27 -17.36
CA LYS E 77 11.98 23.45 -17.49
C LYS E 77 11.31 24.71 -16.97
N ARG E 78 10.46 24.58 -15.95
CA ARG E 78 9.79 25.70 -15.33
C ARG E 78 10.10 25.75 -13.84
N VAL E 79 9.81 26.89 -13.23
CA VAL E 79 9.92 27.07 -11.79
C VAL E 79 8.59 27.43 -11.14
N THR E 80 7.54 27.59 -11.93
CA THR E 80 6.20 27.89 -11.42
C THR E 80 5.35 26.64 -11.46
N ILE E 81 4.68 26.33 -10.36
CA ILE E 81 3.77 25.20 -10.33
C ILE E 81 2.44 25.61 -10.94
N MET E 82 1.86 24.72 -11.74
CA MET E 82 0.63 24.97 -12.48
C MET E 82 -0.32 23.81 -12.29
N PRO E 83 -1.62 24.03 -12.57
CA PRO E 83 -2.58 22.92 -12.41
C PRO E 83 -2.22 21.67 -13.18
N LYS E 84 -1.58 21.80 -14.35
CA LYS E 84 -1.17 20.62 -15.09
C LYS E 84 -0.08 19.83 -14.37
N ASP E 85 0.63 20.47 -13.43
CA ASP E 85 1.61 19.74 -12.63
C ASP E 85 0.94 18.94 -11.52
N ILE E 86 -0.06 19.54 -10.86
CA ILE E 86 -0.79 18.81 -9.83
C ILE E 86 -1.54 17.62 -10.44
N GLN E 87 -2.14 17.83 -11.61
CA GLN E 87 -2.88 16.74 -12.26
C GLN E 87 -1.95 15.61 -12.68
N LEU E 88 -0.71 15.91 -13.05
CA LEU E 88 0.22 14.84 -13.40
C LEU E 88 0.69 14.08 -12.18
N ALA E 89 0.96 14.80 -11.08
CA ALA E 89 1.37 14.13 -9.84
C ALA E 89 0.29 13.19 -9.34
N ARG E 90 -0.96 13.67 -9.27
CA ARG E 90 -2.04 12.83 -8.78
C ARG E 90 -2.34 11.69 -9.75
N ARG E 91 -2.13 11.89 -11.05
CA ARG E 91 -2.33 10.81 -12.01
C ARG E 91 -1.29 9.72 -11.83
N ILE E 92 -0.02 10.09 -11.66
CA ILE E 92 1.02 9.09 -11.46
C ILE E 92 0.90 8.44 -10.09
N ARG E 93 0.45 9.20 -9.09
CA ARG E 93 0.20 8.62 -7.77
C ARG E 93 -0.89 7.56 -7.81
N GLY E 94 -1.81 7.65 -8.78
CA GLY E 94 -2.94 6.76 -8.84
C GLY E 94 -4.21 7.31 -8.21
N GLU E 95 -4.19 8.58 -7.78
CA GLU E 95 -5.38 9.19 -7.18
C GLU E 95 -6.37 9.62 -8.25
N ARG E 96 -5.89 10.27 -9.30
CA ARG E 96 -6.73 10.68 -10.41
C ARG E 96 -6.68 9.64 -11.52
N ALA E 97 -7.84 9.34 -12.09
CA ALA E 97 -7.93 8.38 -13.18
C ALA E 97 -7.27 8.92 -14.44
N ASN F 7 -17.59 28.54 2.00
CA ASN F 7 -17.04 27.85 3.16
C ASN F 7 -15.73 27.16 2.79
N ILE F 8 -15.68 26.58 1.59
CA ILE F 8 -14.44 26.00 1.09
C ILE F 8 -13.38 27.09 0.88
N GLN F 9 -13.81 28.32 0.60
CA GLN F 9 -12.90 29.44 0.43
C GLN F 9 -12.23 29.84 1.75
N GLY F 10 -12.57 29.20 2.87
CA GLY F 10 -11.87 29.49 4.11
C GLY F 10 -10.40 29.17 4.04
N ILE F 11 -10.02 28.18 3.22
CA ILE F 11 -8.63 27.89 2.95
C ILE F 11 -8.08 29.02 2.10
N THR F 12 -7.59 30.07 2.75
CA THR F 12 -7.24 31.30 2.07
C THR F 12 -6.03 31.11 1.15
N LYS F 13 -5.80 32.10 0.30
CA LYS F 13 -4.64 32.07 -0.59
C LYS F 13 -3.31 32.08 0.16
N PRO F 14 -3.07 32.96 1.14
CA PRO F 14 -1.78 32.89 1.85
C PRO F 14 -1.58 31.60 2.62
N ALA F 15 -2.67 30.93 3.03
CA ALA F 15 -2.54 29.64 3.69
C ALA F 15 -2.03 28.58 2.71
N ILE F 16 -2.51 28.63 1.47
CA ILE F 16 -2.04 27.69 0.45
C ILE F 16 -0.59 28.01 0.07
N ARG F 17 -0.23 29.29 0.06
CA ARG F 17 1.15 29.67 -0.24
C ARG F 17 2.12 29.15 0.82
N ARG F 18 1.72 29.23 2.10
CA ARG F 18 2.58 28.74 3.17
C ARG F 18 2.81 27.23 3.05
N LEU F 19 1.75 26.49 2.69
CA LEU F 19 1.91 25.05 2.50
C LEU F 19 2.85 24.75 1.34
N ALA F 20 2.78 25.55 0.27
CA ALA F 20 3.68 25.35 -0.86
C ALA F 20 5.10 25.77 -0.50
N ARG F 21 5.25 26.82 0.32
CA ARG F 21 6.57 27.23 0.76
C ARG F 21 7.24 26.13 1.56
N ARG F 22 6.49 25.46 2.42
CA ARG F 22 7.03 24.30 3.13
C ARG F 22 7.33 23.16 2.16
N GLY F 23 6.61 23.08 1.05
CA GLY F 23 6.88 22.10 0.02
C GLY F 23 7.99 22.44 -0.93
N GLY F 24 8.67 23.56 -0.73
CA GLY F 24 9.78 23.95 -1.57
C GLY F 24 9.41 24.71 -2.83
N VAL F 25 8.16 25.18 -2.94
CA VAL F 25 7.72 25.89 -4.14
C VAL F 25 8.13 27.35 -4.04
N LYS F 26 8.73 27.87 -5.11
CA LYS F 26 9.18 29.25 -5.17
C LYS F 26 8.19 30.17 -5.87
N ARG F 27 7.62 29.74 -6.99
CA ARG F 27 6.67 30.56 -7.76
C ARG F 27 5.40 29.75 -7.95
N ILE F 28 4.25 30.40 -7.72
CA ILE F 28 2.96 29.74 -7.73
C ILE F 28 2.05 30.42 -8.76
N SER F 29 1.36 29.62 -9.56
CA SER F 29 0.42 30.17 -10.52
C SER F 29 -0.86 30.63 -9.80
N GLY F 30 -1.70 31.32 -10.54
CA GLY F 30 -2.94 31.84 -9.99
C GLY F 30 -4.03 30.80 -9.87
N LEU F 31 -4.12 29.91 -10.86
CA LEU F 31 -5.13 28.86 -10.87
C LEU F 31 -4.80 27.72 -9.91
N ILE F 32 -3.66 27.78 -9.22
CA ILE F 32 -3.30 26.72 -8.27
C ILE F 32 -4.26 26.70 -7.09
N TYR F 33 -4.66 27.87 -6.62
CA TYR F 33 -5.45 27.96 -5.38
C TYR F 33 -6.80 27.26 -5.53
N GLU F 34 -7.50 27.51 -6.65
CA GLU F 34 -8.77 26.82 -6.87
C GLU F 34 -8.55 25.33 -7.12
N GLU F 35 -7.45 24.96 -7.75
CA GLU F 35 -7.13 23.55 -7.92
C GLU F 35 -6.77 22.90 -6.59
N THR F 36 -6.12 23.65 -5.70
CA THR F 36 -5.74 23.10 -4.39
C THR F 36 -6.97 22.91 -3.51
N ARG F 37 -7.91 23.84 -3.54
CA ARG F 37 -9.13 23.69 -2.74
C ARG F 37 -9.93 22.49 -3.19
N GLY F 38 -9.97 22.23 -4.50
CA GLY F 38 -10.66 21.05 -4.99
C GLY F 38 -9.97 19.76 -4.58
N VAL F 39 -8.63 19.76 -4.59
CA VAL F 39 -7.88 18.58 -4.18
C VAL F 39 -8.04 18.34 -2.68
N LEU F 40 -7.97 19.41 -1.88
CA LEU F 40 -8.16 19.28 -0.44
C LEU F 40 -9.56 18.76 -0.12
N LYS F 41 -10.56 19.19 -0.89
CA LYS F 41 -11.93 18.74 -0.65
C LYS F 41 -12.06 17.25 -0.92
N VAL F 42 -11.49 16.76 -2.02
CA VAL F 42 -11.54 15.33 -2.34
C VAL F 42 -10.83 14.51 -1.28
N PHE F 43 -9.75 15.05 -0.69
CA PHE F 43 -9.05 14.34 0.36
C PHE F 43 -9.91 14.24 1.62
N LEU F 44 -10.48 15.36 2.07
CA LEU F 44 -11.32 15.33 3.26
C LEU F 44 -12.58 14.52 3.04
N GLU F 45 -13.13 14.53 1.83
CA GLU F 45 -14.33 13.73 1.55
C GLU F 45 -14.05 12.25 1.76
N ASN F 46 -12.91 11.76 1.28
CA ASN F 46 -12.61 10.34 1.37
C ASN F 46 -12.31 9.92 2.81
N VAL F 47 -11.66 10.80 3.57
CA VAL F 47 -11.27 10.44 4.94
C VAL F 47 -12.45 10.56 5.89
N ILE F 48 -13.23 11.64 5.78
CA ILE F 48 -14.36 11.82 6.68
C ILE F 48 -15.46 10.80 6.40
N ARG F 49 -15.62 10.40 5.12
CA ARG F 49 -16.59 9.36 4.81
C ARG F 49 -16.28 8.07 5.55
N ASP F 50 -15.00 7.68 5.59
CA ASP F 50 -14.62 6.47 6.30
C ASP F 50 -14.67 6.68 7.81
N ALA F 51 -14.28 7.86 8.29
CA ALA F 51 -14.33 8.14 9.72
C ALA F 51 -15.76 8.11 10.24
N VAL F 52 -16.69 8.73 9.52
CA VAL F 52 -18.09 8.70 9.92
C VAL F 52 -18.65 7.28 9.86
N THR F 53 -18.19 6.49 8.87
CA THR F 53 -18.58 5.09 8.80
C THR F 53 -18.17 4.34 10.07
N TYR F 54 -16.96 4.63 10.57
CA TYR F 54 -16.55 4.03 11.84
C TYR F 54 -17.38 4.56 13.00
N THR F 55 -17.78 5.83 12.94
CA THR F 55 -18.61 6.40 13.99
C THR F 55 -20.01 5.79 13.97
N GLU F 56 -20.60 5.62 12.78
CA GLU F 56 -21.92 5.05 12.68
C GLU F 56 -21.94 3.59 13.13
N HIS F 57 -20.85 2.86 12.90
CA HIS F 57 -20.80 1.46 13.33
C HIS F 57 -20.70 1.35 14.83
N ALA F 58 -20.07 2.31 15.49
CA ALA F 58 -19.98 2.32 16.94
C ALA F 58 -21.24 2.86 17.61
N LYS F 59 -22.26 3.24 16.81
CA LYS F 59 -23.50 3.80 17.33
C LYS F 59 -23.24 5.01 18.21
N ARG F 60 -22.42 5.92 17.71
CA ARG F 60 -22.09 7.16 18.41
C ARG F 60 -22.43 8.36 17.54
N LYS F 61 -22.56 9.51 18.17
CA LYS F 61 -22.82 10.77 17.49
C LYS F 61 -21.64 11.73 17.58
N THR F 62 -20.50 11.29 18.09
CA THR F 62 -19.31 12.11 18.21
C THR F 62 -18.15 11.39 17.51
N VAL F 63 -17.63 12.00 16.45
CA VAL F 63 -16.52 11.42 15.71
C VAL F 63 -15.27 11.54 16.57
N THR F 64 -14.71 10.41 16.98
CA THR F 64 -13.52 10.39 17.82
C THR F 64 -12.26 10.37 16.96
N ALA F 65 -11.13 10.66 17.61
CA ALA F 65 -9.85 10.69 16.91
C ALA F 65 -9.46 9.31 16.38
N MET F 66 -9.94 8.23 17.02
CA MET F 66 -9.61 6.90 16.54
C MET F 66 -10.28 6.61 15.21
N ASP F 67 -11.51 7.09 15.01
CA ASP F 67 -12.16 6.95 13.71
C ASP F 67 -11.36 7.64 12.62
N VAL F 68 -10.73 8.77 12.94
CA VAL F 68 -9.89 9.45 11.97
C VAL F 68 -8.61 8.67 11.73
N VAL F 69 -7.98 8.18 12.80
CA VAL F 69 -6.75 7.41 12.66
C VAL F 69 -7.01 6.12 11.90
N TYR F 70 -8.15 5.48 12.15
CA TYR F 70 -8.50 4.25 11.44
C TYR F 70 -8.76 4.55 9.96
N ALA F 71 -9.43 5.65 9.66
CA ALA F 71 -9.72 6.00 8.27
C ALA F 71 -8.43 6.31 7.51
N LEU F 72 -7.56 7.13 8.09
CA LEU F 72 -6.29 7.44 7.45
C LEU F 72 -5.47 6.17 7.23
N LYS F 73 -5.55 5.21 8.15
CA LYS F 73 -4.77 3.99 8.02
C LYS F 73 -5.18 3.21 6.78
N ARG F 74 -6.49 2.99 6.60
CA ARG F 74 -6.93 2.23 5.44
C ARG F 74 -6.84 3.03 4.14
N GLN F 75 -6.79 4.35 4.22
CA GLN F 75 -6.53 5.18 3.05
C GLN F 75 -5.05 5.20 2.67
N GLY F 76 -4.19 4.53 3.43
CA GLY F 76 -2.77 4.58 3.20
C GLY F 76 -2.06 5.80 3.75
N ARG F 77 -2.73 6.58 4.60
CA ARG F 77 -2.13 7.78 5.17
CA ARG F 77 -2.13 7.77 5.17
C ARG F 77 -1.98 7.63 6.68
N THR F 78 -1.29 6.57 7.11
CA THR F 78 -1.11 6.30 8.53
C THR F 78 -0.54 7.50 9.26
N LEU F 79 -1.13 7.82 10.41
CA LEU F 79 -0.77 8.98 11.21
C LEU F 79 -0.37 8.55 12.61
N TYR F 80 0.77 9.05 13.09
CA TYR F 80 1.25 8.77 14.43
C TYR F 80 1.00 9.97 15.33
N GLY F 81 0.86 9.70 16.63
CA GLY F 81 0.79 10.74 17.64
C GLY F 81 -0.61 11.11 18.10
N PHE F 82 -1.65 10.54 17.49
CA PHE F 82 -3.03 10.84 17.85
C PHE F 82 -3.75 9.60 18.35
N GLY F 83 -3.00 8.65 18.89
CA GLY F 83 -3.56 7.41 19.37
C GLY F 83 -3.40 6.27 18.36
N GLY F 84 -3.78 5.08 18.80
CA GLY F 84 -3.69 3.90 17.96
C GLY F 84 -2.36 3.19 18.05
N ALA G 1 -35.88 -26.92 2.72
CA ALA G 1 -34.52 -26.53 2.34
C ALA G 1 -33.49 -27.21 3.23
N LYS G 2 -32.37 -27.62 2.63
CA LYS G 2 -31.30 -28.31 3.34
C LYS G 2 -30.08 -27.41 3.50
N THR G 3 -29.39 -27.09 2.41
CA THR G 3 -28.22 -26.23 2.49
C THR G 3 -28.61 -24.81 2.89
N ARG G 4 -27.68 -24.13 3.58
CA ARG G 4 -27.93 -22.77 4.01
C ARG G 4 -27.96 -21.79 2.85
N SER G 5 -27.39 -22.16 1.71
CA SER G 5 -27.45 -21.29 0.53
C SER G 5 -28.86 -21.25 -0.05
N SER G 6 -29.61 -22.34 0.06
CA SER G 6 -30.98 -22.34 -0.43
C SER G 6 -31.88 -21.49 0.46
N ARG G 7 -31.67 -21.54 1.78
CA ARG G 7 -32.45 -20.71 2.69
C ARG G 7 -32.23 -19.22 2.43
N ALA G 8 -31.07 -18.86 1.89
CA ALA G 8 -30.74 -17.48 1.60
C ALA G 8 -30.92 -17.12 0.13
N GLY G 9 -31.32 -18.07 -0.70
CA GLY G 9 -31.50 -17.80 -2.12
C GLY G 9 -30.21 -17.42 -2.82
N LEU G 10 -29.11 -18.08 -2.49
CA LEU G 10 -27.80 -17.77 -3.03
C LEU G 10 -27.23 -18.97 -3.77
N GLN G 11 -26.30 -18.70 -4.67
CA GLN G 11 -25.58 -19.76 -5.38
C GLN G 11 -24.25 -20.09 -4.72
N PHE G 12 -23.63 -19.14 -4.04
CA PHE G 12 -22.37 -19.36 -3.34
C PHE G 12 -22.60 -20.14 -2.04
N PRO G 13 -21.63 -20.93 -1.61
CA PRO G 13 -21.81 -21.79 -0.43
C PRO G 13 -21.70 -21.00 0.85
N VAL G 14 -22.81 -20.92 1.59
CA VAL G 14 -22.78 -20.26 2.89
C VAL G 14 -22.03 -21.11 3.90
N GLY G 15 -22.13 -22.44 3.79
CA GLY G 15 -21.43 -23.30 4.73
C GLY G 15 -19.93 -23.23 4.61
N ARG G 16 -19.43 -23.08 3.38
CA ARG G 16 -17.99 -22.96 3.19
C ARG G 16 -17.47 -21.61 3.67
N VAL G 17 -18.21 -20.53 3.38
CA VAL G 17 -17.82 -19.20 3.85
C VAL G 17 -17.82 -19.15 5.38
N HIS G 18 -18.76 -19.85 6.01
CA HIS G 18 -18.81 -19.88 7.47
C HIS G 18 -17.59 -20.58 8.05
N ARG G 19 -17.16 -21.68 7.42
CA ARG G 19 -15.98 -22.40 7.89
C ARG G 19 -14.72 -21.58 7.67
N LEU G 20 -14.62 -20.90 6.53
CA LEU G 20 -13.44 -20.09 6.25
C LEU G 20 -13.30 -18.93 7.23
N LEU G 21 -14.43 -18.33 7.62
CA LEU G 21 -14.39 -17.24 8.59
C LEU G 21 -13.91 -17.74 9.95
N ARG G 22 -14.42 -18.90 10.39
CA ARG G 22 -14.03 -19.44 11.68
C ARG G 22 -12.58 -19.89 11.68
N LYS G 23 -12.16 -20.61 10.62
CA LYS G 23 -10.80 -21.10 10.50
C LYS G 23 -9.85 -20.07 9.88
N GLY G 24 -10.24 -18.79 9.88
CA GLY G 24 -9.42 -17.76 9.28
C GLY G 24 -8.85 -16.79 10.29
N ASN G 25 -9.14 -17.03 11.57
CA ASN G 25 -8.67 -16.19 12.67
C ASN G 25 -9.06 -14.73 12.46
N TYR G 26 -10.36 -14.51 12.24
CA TYR G 26 -10.89 -13.17 12.13
C TYR G 26 -11.56 -12.69 13.41
N ALA G 27 -12.14 -13.60 14.19
CA ALA G 27 -12.73 -13.29 15.48
C ALA G 27 -12.93 -14.59 16.23
N GLU G 28 -13.14 -14.46 17.55
CA GLU G 28 -13.35 -15.65 18.37
C GLU G 28 -14.66 -16.35 18.00
N ARG G 29 -15.70 -15.56 17.71
CA ARG G 29 -17.00 -16.11 17.34
C ARG G 29 -17.46 -15.48 16.03
N VAL G 30 -18.27 -16.22 15.28
CA VAL G 30 -18.79 -15.77 14.00
C VAL G 30 -20.31 -15.87 14.03
N GLY G 31 -20.97 -14.75 13.72
CA GLY G 31 -22.42 -14.75 13.69
C GLY G 31 -22.99 -15.60 12.58
N ALA G 32 -24.27 -15.93 12.70
CA ALA G 32 -24.91 -16.77 11.70
C ALA G 32 -25.19 -16.00 10.42
N GLY G 33 -25.36 -14.68 10.52
CA GLY G 33 -25.62 -13.85 9.36
C GLY G 33 -24.40 -13.37 8.60
N ALA G 34 -23.21 -13.53 9.18
CA ALA G 34 -21.99 -13.09 8.50
C ALA G 34 -21.72 -13.89 7.23
N PRO G 35 -21.73 -15.23 7.23
CA PRO G 35 -21.46 -15.95 5.97
C PRO G 35 -22.55 -15.75 4.93
N VAL G 36 -23.80 -15.56 5.35
CA VAL G 36 -24.87 -15.29 4.40
C VAL G 36 -24.63 -13.95 3.70
N TYR G 37 -24.35 -12.91 4.48
CA TYR G 37 -24.11 -11.59 3.92
C TYR G 37 -22.89 -11.60 3.01
N LEU G 38 -21.80 -12.21 3.46
CA LEU G 38 -20.55 -12.19 2.70
C LEU G 38 -20.68 -12.98 1.41
N ALA G 39 -21.26 -14.18 1.47
CA ALA G 39 -21.44 -14.98 0.25
C ALA G 39 -22.36 -14.28 -0.74
N ALA G 40 -23.30 -13.48 -0.25
CA ALA G 40 -24.17 -12.72 -1.15
C ALA G 40 -23.42 -11.59 -1.83
N VAL G 41 -22.53 -10.91 -1.09
CA VAL G 41 -21.73 -9.84 -1.68
C VAL G 41 -20.74 -10.41 -2.68
N LEU G 42 -20.15 -11.57 -2.37
CA LEU G 42 -19.24 -12.22 -3.31
C LEU G 42 -19.97 -12.68 -4.56
N GLU G 43 -21.24 -13.06 -4.43
CA GLU G 43 -22.01 -13.47 -5.60
C GLU G 43 -22.37 -12.28 -6.49
N TYR G 44 -22.68 -11.13 -5.86
CA TYR G 44 -23.01 -9.95 -6.64
C TYR G 44 -21.81 -9.44 -7.43
N LEU G 45 -20.65 -9.35 -6.77
CA LEU G 45 -19.45 -8.89 -7.45
C LEU G 45 -19.01 -9.87 -8.53
N THR G 46 -19.15 -11.17 -8.29
CA THR G 46 -18.87 -12.17 -9.32
C THR G 46 -19.82 -12.00 -10.50
N ALA G 47 -21.10 -11.77 -10.23
CA ALA G 47 -22.07 -11.57 -11.30
C ALA G 47 -21.76 -10.31 -12.09
N GLU G 48 -21.37 -9.24 -11.38
CA GLU G 48 -21.10 -7.97 -12.06
C GLU G 48 -19.95 -8.10 -13.05
N ILE G 49 -18.93 -8.90 -12.72
CA ILE G 49 -17.80 -9.06 -13.63
C ILE G 49 -18.14 -10.01 -14.76
N LEU G 50 -18.79 -11.15 -14.46
CA LEU G 50 -19.15 -12.09 -15.50
C LEU G 50 -20.15 -11.51 -16.50
N GLU G 51 -20.92 -10.49 -16.10
CA GLU G 51 -21.81 -9.82 -17.03
C GLU G 51 -21.02 -9.02 -18.06
N LEU G 52 -20.04 -8.24 -17.60
CA LEU G 52 -19.28 -7.39 -18.51
C LEU G 52 -18.25 -8.18 -19.30
N ALA G 53 -17.69 -9.24 -18.72
CA ALA G 53 -16.74 -10.06 -19.45
C ALA G 53 -17.43 -10.86 -20.56
N GLY G 54 -18.65 -11.34 -20.29
CA GLY G 54 -19.39 -12.04 -21.32
C GLY G 54 -19.71 -11.16 -22.51
N ASN G 55 -20.02 -9.88 -22.25
CA ASN G 55 -20.24 -8.94 -23.34
C ASN G 55 -18.95 -8.72 -24.13
N ALA G 56 -17.83 -8.57 -23.43
CA ALA G 56 -16.55 -8.43 -24.11
C ALA G 56 -16.23 -9.66 -24.95
N ALA G 57 -16.56 -10.85 -24.42
CA ALA G 57 -16.36 -12.08 -25.18
C ALA G 57 -17.24 -12.11 -26.42
N ARG G 58 -18.44 -11.55 -26.34
CA ARG G 58 -19.33 -11.47 -27.50
C ARG G 58 -18.86 -10.41 -28.48
N ASP G 59 -18.31 -9.30 -27.98
CA ASP G 59 -17.80 -8.26 -28.87
C ASP G 59 -16.58 -8.76 -29.64
N ASN G 60 -15.82 -9.68 -29.06
CA ASN G 60 -14.69 -10.31 -29.74
C ASN G 60 -15.08 -11.56 -30.50
N LYS G 61 -16.38 -11.82 -30.65
CA LYS G 61 -16.90 -12.94 -31.44
C LYS G 61 -16.39 -14.29 -30.91
N LYS G 62 -16.38 -14.43 -29.58
CA LYS G 62 -15.89 -15.65 -28.95
C LYS G 62 -16.92 -16.17 -27.96
N THR G 63 -16.88 -17.48 -27.75
CA THR G 63 -17.82 -18.17 -26.88
C THR G 63 -17.35 -18.17 -25.42
N ARG G 64 -16.08 -18.50 -25.20
CA ARG G 64 -15.53 -18.66 -23.87
C ARG G 64 -14.84 -17.37 -23.41
N ILE G 65 -14.99 -17.06 -22.13
CA ILE G 65 -14.34 -15.91 -21.54
C ILE G 65 -12.88 -16.24 -21.24
N ILE G 66 -11.96 -15.43 -21.77
CA ILE G 66 -10.54 -15.61 -21.52
C ILE G 66 -10.09 -14.47 -20.61
N PRO G 67 -8.86 -14.51 -20.07
CA PRO G 67 -8.38 -13.39 -19.24
C PRO G 67 -8.51 -12.02 -19.90
N ARG G 68 -8.30 -11.94 -21.22
CA ARG G 68 -8.42 -10.66 -21.91
C ARG G 68 -9.82 -10.07 -21.73
N HIS G 69 -10.85 -10.91 -21.76
CA HIS G 69 -12.21 -10.43 -21.57
C HIS G 69 -12.42 -9.93 -20.15
N LEU G 70 -11.79 -10.58 -19.17
CA LEU G 70 -11.87 -10.10 -17.79
C LEU G 70 -11.18 -8.76 -17.62
N GLN G 71 -10.10 -8.52 -18.38
CA GLN G 71 -9.40 -7.26 -18.27
C GLN G 71 -10.22 -6.12 -18.89
N LEU G 72 -10.74 -6.33 -20.09
CA LEU G 72 -11.55 -5.29 -20.74
C LEU G 72 -12.77 -4.93 -19.90
N ALA G 73 -13.32 -5.90 -19.16
CA ALA G 73 -14.45 -5.62 -18.30
C ALA G 73 -14.06 -4.75 -17.10
N VAL G 74 -12.99 -5.15 -16.40
CA VAL G 74 -12.60 -4.46 -15.18
C VAL G 74 -12.12 -3.05 -15.50
N ARG G 75 -11.26 -2.91 -16.50
CA ARG G 75 -10.62 -1.62 -16.75
C ARG G 75 -11.56 -0.61 -17.38
N ASN G 76 -12.62 -1.06 -18.06
CA ASN G 76 -13.59 -0.14 -18.65
C ASN G 76 -14.67 0.30 -17.68
N ASP G 77 -14.87 -0.42 -16.58
CA ASP G 77 -15.80 -0.02 -15.54
C ASP G 77 -15.02 0.71 -14.45
N GLU G 78 -15.45 1.95 -14.15
CA GLU G 78 -14.73 2.76 -13.17
C GLU G 78 -14.76 2.12 -11.78
N GLU G 79 -15.92 1.58 -11.38
CA GLU G 79 -16.04 1.04 -10.04
C GLU G 79 -15.20 -0.21 -9.86
N LEU G 80 -15.22 -1.13 -10.83
CA LEU G 80 -14.38 -2.31 -10.75
C LEU G 80 -12.89 -1.95 -10.85
N ASN G 81 -12.56 -0.91 -11.62
CA ASN G 81 -11.17 -0.51 -11.73
C ASN G 81 -10.65 0.04 -10.41
N LYS G 82 -11.48 0.78 -9.68
CA LYS G 82 -11.07 1.28 -8.36
C LYS G 82 -10.92 0.14 -7.38
N LEU G 83 -11.78 -0.87 -7.46
CA LEU G 83 -11.69 -2.01 -6.56
C LEU G 83 -10.44 -2.85 -6.84
N LEU G 84 -10.01 -2.92 -8.10
CA LEU G 84 -8.84 -3.69 -8.50
C LEU G 84 -7.77 -2.77 -9.09
N GLY G 85 -7.56 -1.63 -8.44
CA GLY G 85 -6.57 -0.68 -8.94
C GLY G 85 -5.15 -1.13 -8.70
N ARG G 86 -4.93 -1.94 -7.67
CA ARG G 86 -3.61 -2.47 -7.34
C ARG G 86 -3.52 -3.96 -7.64
N VAL G 87 -4.22 -4.42 -8.68
CA VAL G 87 -4.32 -5.82 -9.03
C VAL G 87 -3.88 -6.00 -10.48
N THR G 88 -3.21 -7.13 -10.75
CA THR G 88 -2.78 -7.48 -12.09
C THR G 88 -3.45 -8.77 -12.52
N ILE G 89 -4.05 -8.76 -13.70
CA ILE G 89 -4.72 -9.93 -14.27
C ILE G 89 -3.78 -10.54 -15.30
N ALA G 90 -3.34 -11.77 -15.04
CA ALA G 90 -2.40 -12.44 -15.94
C ALA G 90 -3.02 -12.64 -17.32
N GLN G 91 -2.22 -12.38 -18.35
CA GLN G 91 -2.66 -12.45 -19.75
C GLN G 91 -3.84 -11.54 -20.02
N GLY G 92 -3.89 -10.38 -19.36
CA GLY G 92 -4.98 -9.46 -19.54
C GLY G 92 -4.70 -8.36 -20.54
N GLY G 93 -3.42 -8.03 -20.73
CA GLY G 93 -3.08 -6.95 -21.63
C GLY G 93 -3.44 -5.59 -21.05
N VAL G 94 -3.44 -4.59 -21.93
CA VAL G 94 -3.77 -3.22 -21.56
C VAL G 94 -4.89 -2.72 -22.48
N LEU G 95 -5.52 -1.63 -22.05
CA LEU G 95 -6.54 -1.00 -22.88
C LEU G 95 -5.88 -0.21 -24.00
N PRO G 96 -6.42 -0.28 -25.22
CA PRO G 96 -5.87 0.53 -26.31
C PRO G 96 -6.01 2.02 -26.01
N ASN G 97 -4.87 2.69 -25.86
CA ASN G 97 -4.85 4.11 -25.54
C ASN G 97 -3.57 4.72 -26.09
N ILE G 98 -3.71 5.68 -27.01
CA ILE G 98 -2.58 6.38 -27.61
C ILE G 98 -2.77 7.87 -27.37
N GLN G 99 -1.72 8.51 -26.85
CA GLN G 99 -1.81 9.93 -26.54
C GLN G 99 -2.00 10.74 -27.82
N SER G 100 -2.64 11.90 -27.67
CA SER G 100 -3.01 12.71 -28.83
C SER G 100 -1.79 13.34 -29.49
N VAL G 101 -0.82 13.80 -28.69
CA VAL G 101 0.36 14.43 -29.25
C VAL G 101 1.20 13.46 -30.07
N LEU G 102 1.05 12.15 -29.84
CA LEU G 102 1.78 11.15 -30.60
C LEU G 102 1.16 10.90 -31.97
N LEU G 103 -0.06 11.37 -32.22
CA LEU G 103 -0.73 11.13 -33.48
C LEU G 103 -0.25 12.13 -34.54
N PRO G 104 -0.08 11.69 -35.78
CA PRO G 104 0.37 12.60 -36.84
C PRO G 104 -0.79 13.41 -37.39
N LYS G 105 -0.50 14.20 -38.43
CA LYS G 105 -1.51 15.02 -39.08
C LYS G 105 -1.65 14.63 -40.55
N LYS H 1 -5.79 -38.38 -5.25
CA LYS H 1 -4.80 -37.34 -4.99
C LYS H 1 -5.31 -36.32 -3.97
N THR H 2 -4.69 -35.14 -3.97
CA THR H 2 -5.07 -34.09 -3.04
C THR H 2 -6.37 -33.44 -3.46
N ARG H 3 -7.27 -33.24 -2.48
CA ARG H 3 -8.55 -32.59 -2.72
C ARG H 3 -8.38 -31.09 -2.49
N LYS H 4 -8.41 -30.32 -3.58
CA LYS H 4 -8.23 -28.87 -3.53
C LYS H 4 -9.57 -28.20 -3.82
N GLU H 5 -10.00 -27.32 -2.92
CA GLU H 5 -11.26 -26.62 -3.10
C GLU H 5 -11.12 -25.44 -4.04
N SER H 6 -12.27 -24.93 -4.49
CA SER H 6 -12.30 -23.81 -5.43
C SER H 6 -13.73 -23.29 -5.50
N TYR H 7 -13.87 -22.07 -6.04
CA TYR H 7 -15.16 -21.47 -6.31
C TYR H 7 -15.61 -21.72 -7.74
N ALA H 8 -15.07 -22.75 -8.40
CA ALA H 8 -15.32 -22.94 -9.83
C ALA H 8 -16.78 -23.27 -10.10
N ILE H 9 -17.40 -24.14 -9.30
CA ILE H 9 -18.77 -24.54 -9.58
C ILE H 9 -19.73 -23.40 -9.31
N TYR H 10 -19.43 -22.53 -8.32
CA TYR H 10 -20.34 -21.45 -7.99
C TYR H 10 -20.20 -20.27 -8.94
N VAL H 11 -18.99 -20.02 -9.44
CA VAL H 11 -18.82 -19.02 -10.49
C VAL H 11 -19.47 -19.50 -11.78
N TYR H 12 -19.41 -20.82 -12.04
CA TYR H 12 -20.01 -21.35 -13.25
C TYR H 12 -21.54 -21.29 -13.20
N LYS H 13 -22.13 -21.44 -12.01
CA LYS H 13 -23.57 -21.29 -11.87
C LYS H 13 -24.01 -19.85 -12.17
N VAL H 14 -23.29 -18.88 -11.59
CA VAL H 14 -23.64 -17.48 -11.82
C VAL H 14 -23.45 -17.10 -13.27
N LEU H 15 -22.40 -17.62 -13.90
CA LEU H 15 -22.16 -17.33 -15.32
C LEU H 15 -23.34 -17.78 -16.18
N LYS H 16 -23.85 -18.99 -15.94
CA LYS H 16 -24.95 -19.50 -16.74
C LYS H 16 -26.24 -18.72 -16.47
N GLN H 17 -26.40 -18.18 -15.27
CA GLN H 17 -27.54 -17.31 -15.00
C GLN H 17 -27.48 -16.04 -15.85
N VAL H 18 -26.27 -15.53 -16.07
CA VAL H 18 -26.07 -14.25 -16.75
C VAL H 18 -25.83 -14.43 -18.24
N HIS H 19 -25.06 -15.45 -18.62
CA HIS H 19 -24.80 -15.75 -20.03
C HIS H 19 -24.92 -17.26 -20.23
N PRO H 20 -26.12 -17.73 -20.60
CA PRO H 20 -26.33 -19.19 -20.69
C PRO H 20 -25.53 -19.87 -21.79
N ASP H 21 -25.12 -19.15 -22.83
CA ASP H 21 -24.37 -19.72 -23.94
C ASP H 21 -22.92 -19.26 -23.95
N THR H 22 -22.34 -19.02 -22.77
CA THR H 22 -20.98 -18.53 -22.65
C THR H 22 -20.21 -19.38 -21.65
N GLY H 23 -18.97 -19.72 -22.00
CA GLY H 23 -18.10 -20.50 -21.15
C GLY H 23 -16.95 -19.66 -20.60
N ILE H 24 -16.06 -20.35 -19.89
CA ILE H 24 -14.90 -19.71 -19.26
C ILE H 24 -13.71 -20.65 -19.37
N SER H 25 -12.54 -20.08 -19.63
CA SER H 25 -11.32 -20.86 -19.77
C SER H 25 -10.73 -21.16 -18.40
N SER H 26 -9.83 -22.15 -18.37
CA SER H 26 -9.17 -22.52 -17.12
C SER H 26 -8.45 -21.33 -16.51
N LYS H 27 -7.73 -20.56 -17.31
CA LYS H 27 -7.02 -19.38 -16.80
C LYS H 27 -8.00 -18.34 -16.28
N ALA H 28 -9.06 -18.06 -17.04
CA ALA H 28 -10.03 -17.06 -16.60
C ALA H 28 -10.75 -17.50 -15.33
N MET H 29 -11.02 -18.80 -15.18
CA MET H 29 -11.64 -19.28 -13.95
C MET H 29 -10.70 -19.14 -12.77
N SER H 30 -9.40 -19.41 -12.99
CA SER H 30 -8.42 -19.19 -11.94
C SER H 30 -8.37 -17.72 -11.54
N ILE H 31 -8.53 -16.82 -12.51
CA ILE H 31 -8.56 -15.39 -12.20
C ILE H 31 -9.81 -15.05 -11.39
N MET H 32 -10.94 -15.66 -11.73
CA MET H 32 -12.15 -15.46 -10.94
C MET H 32 -11.98 -16.01 -9.53
N ASN H 33 -11.44 -17.23 -9.42
CA ASN H 33 -11.19 -17.81 -8.10
C ASN H 33 -10.22 -16.95 -7.29
N SER H 34 -9.27 -16.31 -7.96
CA SER H 34 -8.39 -15.38 -7.24
C SER H 34 -9.13 -14.12 -6.85
N PHE H 35 -10.12 -13.70 -7.64
CA PHE H 35 -10.86 -12.49 -7.31
C PHE H 35 -11.72 -12.68 -6.07
N VAL H 36 -12.39 -13.83 -5.96
CA VAL H 36 -13.27 -14.07 -4.83
C VAL H 36 -12.48 -14.13 -3.53
N ASN H 37 -11.38 -14.88 -3.52
CA ASN H 37 -10.57 -15.02 -2.31
C ASN H 37 -10.00 -13.68 -1.86
N ASP H 38 -9.62 -12.82 -2.81
CA ASP H 38 -9.09 -11.51 -2.46
C ASP H 38 -10.16 -10.66 -1.77
N VAL H 39 -11.34 -10.53 -2.40
CA VAL H 39 -12.42 -9.75 -1.81
C VAL H 39 -12.87 -10.37 -0.49
N PHE H 40 -12.88 -11.71 -0.42
CA PHE H 40 -13.18 -12.38 0.84
C PHE H 40 -12.24 -11.92 1.94
N GLU H 41 -10.94 -11.93 1.67
CA GLU H 41 -9.97 -11.53 2.69
C GLU H 41 -10.11 -10.06 3.04
N ARG H 42 -10.30 -9.20 2.03
CA ARG H 42 -10.46 -7.77 2.30
C ARG H 42 -11.65 -7.50 3.21
N ILE H 43 -12.82 -8.03 2.86
CA ILE H 43 -14.02 -7.79 3.65
C ILE H 43 -13.87 -8.39 5.05
N ALA H 44 -13.49 -9.66 5.12
CA ALA H 44 -13.32 -10.31 6.42
C ALA H 44 -12.22 -9.63 7.24
N GLY H 45 -11.18 -9.14 6.59
CA GLY H 45 -10.13 -8.44 7.31
C GLY H 45 -10.61 -7.14 7.92
N GLU H 46 -11.36 -6.35 7.14
CA GLU H 46 -11.91 -5.11 7.68
C GLU H 46 -12.94 -5.38 8.77
N ALA H 47 -13.77 -6.41 8.59
CA ALA H 47 -14.71 -6.79 9.63
C ALA H 47 -14.00 -7.31 10.87
N SER H 48 -12.84 -7.94 10.70
CA SER H 48 -12.05 -8.38 11.84
C SER H 48 -11.57 -7.19 12.67
N ARG H 49 -11.06 -6.15 12.00
CA ARG H 49 -10.60 -4.98 12.72
C ARG H 49 -11.77 -4.20 13.30
N LEU H 50 -12.94 -4.24 12.66
CA LEU H 50 -14.12 -3.55 13.19
C LEU H 50 -14.52 -4.11 14.54
N ALA H 51 -14.42 -5.43 14.72
CA ALA H 51 -14.73 -6.03 16.01
C ALA H 51 -13.67 -5.66 17.05
N HIS H 52 -12.40 -5.66 16.66
CA HIS H 52 -11.33 -5.30 17.59
C HIS H 52 -11.41 -3.84 17.99
N TYR H 53 -11.84 -2.96 17.08
CA TYR H 53 -11.93 -1.54 17.42
C TYR H 53 -13.02 -1.28 18.46
N ASN H 54 -14.08 -2.08 18.44
CA ASN H 54 -15.21 -1.89 19.35
C ASN H 54 -15.21 -2.91 20.50
N LYS H 55 -14.08 -3.58 20.73
CA LYS H 55 -13.95 -4.54 21.82
C LYS H 55 -15.00 -5.64 21.75
N ARG H 56 -15.27 -6.11 20.54
CA ARG H 56 -16.20 -7.20 20.30
C ARG H 56 -15.44 -8.44 19.86
N SER H 57 -16.04 -9.61 20.11
CA SER H 57 -15.43 -10.89 19.77
C SER H 57 -16.26 -11.66 18.76
N THR H 58 -17.17 -10.97 18.05
CA THR H 58 -18.07 -11.62 17.10
C THR H 58 -18.12 -10.80 15.82
N ILE H 59 -18.00 -11.48 14.68
CA ILE H 59 -18.18 -10.86 13.38
C ILE H 59 -19.58 -11.25 12.90
N THR H 60 -20.50 -10.30 12.97
CA THR H 60 -21.87 -10.52 12.54
C THR H 60 -22.09 -9.88 11.16
N SER H 61 -23.34 -9.94 10.68
CA SER H 61 -23.67 -9.31 9.41
C SER H 61 -23.52 -7.80 9.47
N ARG H 62 -23.56 -7.20 10.66
CA ARG H 62 -23.42 -5.75 10.76
C ARG H 62 -21.97 -5.33 10.53
N GLU H 63 -21.01 -6.11 11.05
CA GLU H 63 -19.60 -5.80 10.80
C GLU H 63 -19.25 -6.00 9.33
N ILE H 64 -19.74 -7.07 8.71
CA ILE H 64 -19.46 -7.33 7.31
C ILE H 64 -20.10 -6.26 6.43
N GLN H 65 -21.31 -5.81 6.79
CA GLN H 65 -21.95 -4.73 6.04
C GLN H 65 -21.14 -3.45 6.11
N THR H 66 -20.66 -3.09 7.31
CA THR H 66 -19.85 -1.89 7.44
C THR H 66 -18.54 -2.02 6.66
N ALA H 67 -17.96 -3.23 6.63
CA ALA H 67 -16.74 -3.45 5.87
C ALA H 67 -16.98 -3.28 4.38
N VAL H 68 -18.17 -3.64 3.90
CA VAL H 68 -18.49 -3.45 2.49
C VAL H 68 -18.53 -1.97 2.13
N ARG H 69 -19.14 -1.15 3.00
CA ARG H 69 -19.25 0.27 2.73
C ARG H 69 -17.89 0.95 2.67
N LEU H 70 -16.93 0.46 3.45
CA LEU H 70 -15.59 1.05 3.47
C LEU H 70 -14.79 0.67 2.23
N LEU H 71 -14.93 -0.58 1.78
CA LEU H 71 -14.05 -1.13 0.75
C LEU H 71 -14.58 -0.89 -0.66
N LEU H 72 -15.83 -1.25 -0.93
CA LEU H 72 -16.38 -1.15 -2.27
C LEU H 72 -16.66 0.31 -2.63
N PRO H 73 -16.55 0.66 -3.92
CA PRO H 73 -16.91 2.02 -4.34
C PRO H 73 -18.38 2.33 -4.19
N GLY H 74 -18.81 3.50 -4.66
CA GLY H 74 -20.16 3.99 -4.45
C GLY H 74 -21.28 3.05 -4.85
N GLU H 75 -21.47 2.85 -6.16
CA GLU H 75 -22.59 2.05 -6.63
C GLU H 75 -22.44 0.57 -6.28
N LEU H 76 -21.21 0.05 -6.27
CA LEU H 76 -21.02 -1.35 -5.91
C LEU H 76 -21.43 -1.62 -4.48
N ALA H 77 -21.10 -0.71 -3.56
CA ALA H 77 -21.46 -0.92 -2.16
C ALA H 77 -22.96 -0.82 -1.95
N LYS H 78 -23.60 0.13 -2.64
CA LYS H 78 -25.05 0.31 -2.46
C LYS H 78 -25.81 -0.93 -2.91
N HIS H 79 -25.37 -1.58 -3.97
CA HIS H 79 -26.05 -2.77 -4.45
C HIS H 79 -25.65 -4.01 -3.66
N ALA H 80 -24.37 -4.13 -3.29
CA ALA H 80 -23.93 -5.27 -2.49
C ALA H 80 -24.60 -5.29 -1.12
N VAL H 81 -24.84 -4.11 -0.54
CA VAL H 81 -25.57 -4.05 0.72
C VAL H 81 -27.02 -4.48 0.52
N SER H 82 -27.60 -4.14 -0.63
CA SER H 82 -28.96 -4.58 -0.93
C SER H 82 -29.05 -6.09 -1.07
N GLU H 83 -28.01 -6.70 -1.66
CA GLU H 83 -28.02 -8.15 -1.83
C GLU H 83 -27.84 -8.87 -0.51
N GLY H 84 -26.93 -8.39 0.34
CA GLY H 84 -26.70 -9.05 1.61
C GLY H 84 -27.88 -8.92 2.56
N THR H 85 -28.44 -7.71 2.67
CA THR H 85 -29.60 -7.53 3.52
C THR H 85 -30.78 -8.38 3.06
N LYS H 86 -30.97 -8.50 1.74
CA LYS H 86 -32.02 -9.37 1.22
C LYS H 86 -31.76 -10.82 1.61
N ALA H 87 -30.51 -11.27 1.56
CA ALA H 87 -30.21 -12.66 1.84
C ALA H 87 -30.32 -12.97 3.32
N VAL H 88 -29.84 -12.07 4.18
CA VAL H 88 -29.81 -12.37 5.62
C VAL H 88 -31.23 -12.37 6.20
N THR H 89 -32.13 -11.55 5.65
CA THR H 89 -33.51 -11.59 6.11
C THR H 89 -34.23 -12.82 5.57
N LYS H 90 -33.94 -13.20 4.32
CA LYS H 90 -34.49 -14.43 3.76
C LYS H 90 -33.99 -15.66 4.50
N TYR H 91 -32.74 -15.62 4.98
CA TYR H 91 -32.19 -16.72 5.76
C TYR H 91 -32.83 -16.80 7.14
N THR H 92 -33.22 -15.65 7.72
CA THR H 92 -33.81 -15.65 9.04
C THR H 92 -35.22 -16.24 9.02
N SER H 93 -36.00 -15.93 7.97
CA SER H 93 -37.35 -16.46 7.87
C SER H 93 -37.39 -17.96 7.65
N ALA H 94 -36.32 -18.54 7.11
CA ALA H 94 -36.28 -19.98 6.86
C ALA H 94 -35.27 -20.67 7.79
N GLY I 1 22.84 0.43 25.72
CA GLY I 1 22.93 -0.82 26.46
C GLY I 1 23.29 -1.99 25.58
N GLY I 2 22.69 -3.14 25.87
CA GLY I 2 22.83 -4.33 25.05
C GLY I 2 22.28 -4.24 23.65
N TYR I 3 21.76 -3.09 23.22
CA TYR I 3 21.20 -2.95 21.88
C TYR I 3 22.33 -2.97 20.85
N ASN I 4 22.23 -3.87 19.87
CA ASN I 4 23.19 -3.93 18.77
C ASN I 4 22.76 -2.95 17.69
N LEU I 5 23.01 -1.67 17.96
CA LEU I 5 22.63 -0.61 17.04
C LEU I 5 23.58 -0.55 15.86
N ARG I 6 23.03 -0.33 14.67
CA ARG I 6 23.85 -0.20 13.48
C ARG I 6 24.68 1.08 13.56
N PRO I 7 25.98 1.03 13.26
CA PRO I 7 26.81 2.22 13.46
C PRO I 7 26.69 3.28 12.37
N ARG I 8 26.09 2.96 11.22
CA ARG I 8 26.00 3.90 10.11
C ARG I 8 24.54 4.22 9.82
N THR I 9 24.26 5.52 9.66
CA THR I 9 22.95 6.02 9.27
C THR I 9 23.09 6.67 7.91
N TYR I 10 22.76 5.93 6.85
CA TYR I 10 22.90 6.44 5.49
C TYR I 10 21.70 7.31 5.14
N GLN I 11 21.97 8.40 4.43
CA GLN I 11 20.94 9.33 3.99
C GLN I 11 20.33 8.86 2.67
N PRO I 12 19.00 8.85 2.54
CA PRO I 12 18.39 8.41 1.28
C PRO I 12 18.58 9.47 0.20
N GLN I 13 19.17 9.07 -0.92
CA GLN I 13 19.35 9.98 -2.04
C GLN I 13 18.01 10.19 -2.75
N ARG I 14 17.61 11.45 -2.88
CA ARG I 14 16.32 11.81 -3.47
C ARG I 14 16.50 12.38 -4.86
N TYR I 15 15.38 12.54 -5.56
CA TYR I 15 15.39 13.11 -6.90
C TYR I 15 15.80 14.58 -6.85
N GLY I 16 16.76 14.97 -7.69
CA GLY I 16 17.23 16.33 -7.72
C GLY I 16 17.87 16.78 -6.42
N GLY I 17 18.60 15.88 -5.77
MN MN L . 25.60 -15.27 -8.70
MN MN M . -0.94 -33.79 11.99
MN MN N . 31.13 40.16 -7.42
MN MN O . 15.51 -38.77 -2.48
#